data_5V51
#
_entry.id   5V51
#
_cell.length_a   108.412
_cell.length_b   81.905
_cell.length_c   130.238
_cell.angle_alpha   90.00
_cell.angle_beta   111.64
_cell.angle_gamma   90.00
#
_symmetry.space_group_name_H-M   'P 1 21 1'
#
loop_
_entity.id
_entity.type
_entity.pdbx_description
1 polymer 'PR-1 protein'
2 non-polymer selenourea
#
_entity_poly.entity_id   1
_entity_poly.type   'polypeptide(L)'
_entity_poly.pdbx_seq_one_letter_code
;PAAELEARQFDPDSFKNKWLELHNNERTTRQLDSLEWDGDLAWKAQQVATQCNVDNPQLWGDNGASFNIGRYTKEQAFAE
WTATSGSFPDDRSIPWQRIVANSAQKVGCGEATCVLEGDMAYTVNVCYYDPPLSDYYTNAGDNVRVPSLALLNLDLTTPF
CNLPVNGSNDLDIRE
;
_entity_poly.pdbx_strand_id   A,B,C,D,E,F,G
#
loop_
_chem_comp.id
_chem_comp.type
_chem_comp.name
_chem_comp.formula
SEY non-polymer selenourea 'C H4 N2 Se'
#
# COMPACT_ATOMS: atom_id res chain seq x y z
N PHE A 10 -25.06 56.66 -49.26
CA PHE A 10 -25.68 56.03 -50.45
C PHE A 10 -27.03 55.34 -50.14
N ASP A 11 -28.11 55.83 -50.73
CA ASP A 11 -29.40 55.15 -50.62
C ASP A 11 -29.75 54.47 -51.94
N PRO A 12 -29.58 53.13 -52.00
CA PRO A 12 -29.86 52.36 -53.23
C PRO A 12 -31.26 52.51 -53.79
N ASP A 13 -32.27 52.46 -52.93
CA ASP A 13 -33.64 52.49 -53.39
C ASP A 13 -33.98 53.79 -54.12
N SER A 14 -33.55 54.93 -53.57
CA SER A 14 -33.79 56.21 -54.24
C SER A 14 -32.92 56.35 -55.51
N PHE A 15 -31.69 55.83 -55.47
CA PHE A 15 -30.76 55.79 -56.61
C PHE A 15 -31.40 55.13 -57.83
N LYS A 16 -31.93 53.91 -57.68
CA LYS A 16 -32.65 53.25 -58.77
C LYS A 16 -33.84 54.08 -59.24
N ASN A 17 -34.59 54.65 -58.29
CA ASN A 17 -35.76 55.47 -58.65
C ASN A 17 -35.41 56.64 -59.53
N LYS A 18 -34.36 57.37 -59.16
CA LYS A 18 -34.03 58.57 -59.89
C LYS A 18 -33.60 58.27 -61.31
N TRP A 19 -32.69 57.31 -61.47
CA TRP A 19 -32.24 56.87 -62.78
C TRP A 19 -33.37 56.37 -63.65
N LEU A 20 -34.25 55.55 -63.10
CA LEU A 20 -35.35 55.02 -63.87
C LEU A 20 -36.31 56.12 -64.28
N GLU A 21 -36.55 57.07 -63.38
CA GLU A 21 -37.44 58.15 -63.72
C GLU A 21 -36.86 58.97 -64.88
N LEU A 22 -35.60 59.39 -64.80
CA LEU A 22 -34.96 60.10 -65.91
C LEU A 22 -35.11 59.37 -67.23
N HIS A 23 -34.75 58.10 -67.26
CA HIS A 23 -34.90 57.28 -68.47
C HIS A 23 -36.36 57.18 -68.91
N ASN A 24 -37.25 56.83 -67.99
CA ASN A 24 -38.62 56.59 -68.39
C ASN A 24 -39.42 57.84 -68.74
N ASN A 25 -39.09 59.00 -68.16
CA ASN A 25 -39.68 60.29 -68.60
C ASN A 25 -39.46 60.52 -70.08
N GLU A 26 -38.19 60.43 -70.48
CA GLU A 26 -37.81 60.58 -71.86
C GLU A 26 -38.56 59.61 -72.79
N ARG A 27 -38.71 58.37 -72.40
CA ARG A 27 -39.40 57.44 -73.28
C ARG A 27 -40.92 57.54 -73.21
N THR A 28 -41.46 57.97 -72.05
CA THR A 28 -42.91 58.06 -71.87
C THR A 28 -43.51 59.09 -72.83
N THR A 29 -42.87 60.27 -72.87
CA THR A 29 -43.15 61.34 -73.81
C THR A 29 -43.34 60.84 -75.24
N ARG A 30 -42.51 59.88 -75.64
CA ARG A 30 -42.46 59.47 -77.04
C ARG A 30 -43.23 58.19 -77.33
N GLN A 31 -44.21 57.88 -76.48
CA GLN A 31 -45.06 56.68 -76.60
C GLN A 31 -44.26 55.37 -76.62
N LEU A 32 -43.27 55.29 -75.75
CA LEU A 32 -42.41 54.11 -75.69
C LEU A 32 -42.62 53.38 -74.38
N ASP A 33 -42.46 52.05 -74.45
CA ASP A 33 -42.48 51.15 -73.30
C ASP A 33 -41.42 51.54 -72.28
N SER A 34 -41.74 51.48 -71.00
CA SER A 34 -40.72 51.79 -69.99
C SER A 34 -39.64 50.73 -69.92
N LEU A 35 -38.47 51.16 -69.46
CA LEU A 35 -37.37 50.28 -69.19
C LEU A 35 -37.49 49.70 -67.79
N GLU A 36 -37.02 48.47 -67.61
CA GLU A 36 -36.94 47.86 -66.29
C GLU A 36 -35.51 47.85 -65.81
N TRP A 37 -35.33 47.94 -64.52
CA TRP A 37 -34.01 47.85 -63.92
C TRP A 37 -33.46 46.42 -63.98
N ASP A 38 -32.16 46.32 -64.22
CA ASP A 38 -31.47 45.04 -64.17
C ASP A 38 -30.17 45.18 -63.38
N GLY A 39 -30.10 44.44 -62.27
CA GLY A 39 -29.03 44.55 -61.30
C GLY A 39 -27.68 44.19 -61.87
N ASP A 40 -27.67 43.14 -62.70
CA ASP A 40 -26.44 42.67 -63.31
C ASP A 40 -25.76 43.79 -64.07
N LEU A 41 -26.55 44.51 -64.89
CA LEU A 41 -26.11 45.69 -65.64
C LEU A 41 -25.60 46.76 -64.71
N ALA A 42 -26.42 47.08 -63.70
CA ALA A 42 -26.03 48.04 -62.69
C ALA A 42 -24.69 47.70 -62.02
N TRP A 43 -24.41 46.40 -61.88
CA TRP A 43 -23.15 45.99 -61.30
C TRP A 43 -22.03 46.27 -62.26
N LYS A 44 -22.15 45.73 -63.47
CA LYS A 44 -21.21 46.00 -64.58
C LYS A 44 -20.96 47.50 -64.73
N ALA A 45 -22.03 48.28 -64.56
CA ALA A 45 -21.92 49.73 -64.63
C ALA A 45 -20.96 50.22 -63.60
N GLN A 46 -21.08 49.72 -62.38
CA GLN A 46 -20.18 50.17 -61.35
C GLN A 46 -18.75 49.71 -61.57
N GLN A 47 -18.58 48.51 -62.14
CA GLN A 47 -17.26 48.00 -62.48
C GLN A 47 -16.52 49.01 -63.36
N VAL A 48 -17.24 49.53 -64.35
CA VAL A 48 -16.70 50.51 -65.29
C VAL A 48 -16.53 51.87 -64.60
N ALA A 49 -17.51 52.23 -63.78
CA ALA A 49 -17.51 53.51 -63.09
C ALA A 49 -16.30 53.66 -62.18
N THR A 50 -15.93 52.55 -61.52
CA THR A 50 -14.84 52.46 -60.53
C THR A 50 -13.47 52.84 -61.08
N GLN A 51 -13.26 52.54 -62.36
CA GLN A 51 -11.99 52.80 -63.05
C GLN A 51 -11.56 54.28 -63.12
N CYS A 52 -12.51 55.21 -62.93
CA CYS A 52 -12.30 56.67 -63.12
C CYS A 52 -11.71 57.01 -64.51
N ASN A 53 -12.15 56.28 -65.52
CA ASN A 53 -11.67 56.46 -66.88
C ASN A 53 -12.83 56.51 -67.86
N VAL A 54 -13.22 57.73 -68.19
CA VAL A 54 -14.28 58.02 -69.19
C VAL A 54 -13.85 57.71 -70.64
N ASP A 55 -12.59 58.03 -70.98
CA ASP A 55 -12.07 57.92 -72.33
C ASP A 55 -11.66 56.49 -72.73
N ASN A 56 -10.98 55.78 -71.83
CA ASN A 56 -10.47 54.43 -72.13
C ASN A 56 -10.83 53.37 -71.09
N PRO A 57 -12.13 53.08 -70.91
CA PRO A 57 -12.50 52.06 -69.94
C PRO A 57 -12.11 50.66 -70.43
N GLN A 58 -11.73 49.79 -69.49
CA GLN A 58 -11.50 48.38 -69.77
C GLN A 58 -12.88 47.75 -69.77
N LEU A 59 -13.23 47.04 -70.84
CA LEU A 59 -14.55 46.43 -70.97
C LEU A 59 -14.48 44.95 -71.17
N TRP A 60 -15.52 44.25 -70.73
CA TRP A 60 -15.61 42.83 -70.96
C TRP A 60 -17.04 42.51 -71.40
N GLY A 61 -17.22 41.41 -72.12
CA GLY A 61 -18.54 40.91 -72.50
C GLY A 61 -18.99 41.30 -73.89
N ASP A 62 -19.95 40.53 -74.44
CA ASP A 62 -20.52 40.82 -75.78
C ASP A 62 -21.15 42.20 -75.84
N ASN A 63 -21.90 42.55 -74.80
CA ASN A 63 -22.53 43.84 -74.65
C ASN A 63 -21.65 44.84 -73.89
N GLY A 64 -20.34 44.68 -73.99
CA GLY A 64 -19.43 45.49 -73.19
C GLY A 64 -19.50 46.96 -73.50
N ALA A 65 -19.80 47.31 -74.74
CA ALA A 65 -19.80 48.71 -75.20
C ALA A 65 -21.15 49.36 -75.11
N SER A 66 -22.16 48.57 -74.77
CA SER A 66 -23.54 49.02 -74.69
C SER A 66 -23.80 49.84 -73.43
N PHE A 67 -23.23 51.03 -73.35
CA PHE A 67 -23.40 51.86 -72.16
C PHE A 67 -23.19 53.35 -72.41
N ASN A 68 -23.78 54.17 -71.56
CA ASN A 68 -23.47 55.60 -71.51
C ASN A 68 -22.59 55.94 -70.32
N ILE A 69 -21.74 56.95 -70.47
CA ILE A 69 -20.85 57.38 -69.39
C ILE A 69 -20.81 58.91 -69.29
N GLY A 70 -20.72 59.45 -68.09
CA GLY A 70 -20.83 60.90 -67.92
C GLY A 70 -20.46 61.38 -66.54
N ARG A 71 -20.15 62.66 -66.42
CA ARG A 71 -19.61 63.23 -65.19
C ARG A 71 -20.71 63.89 -64.37
N TYR A 72 -20.41 64.29 -63.13
CA TYR A 72 -21.30 65.09 -62.23
C TYR A 72 -22.64 64.49 -61.80
N THR A 73 -23.66 65.30 -61.51
CA THR A 73 -24.94 64.75 -61.01
C THR A 73 -25.68 63.93 -62.06
N LYS A 74 -26.61 63.12 -61.60
CA LYS A 74 -27.44 62.31 -62.48
C LYS A 74 -28.11 63.14 -63.57
N GLU A 75 -28.78 64.23 -63.17
CA GLU A 75 -29.50 65.09 -64.12
C GLU A 75 -28.56 65.62 -65.19
N GLN A 76 -27.43 66.17 -64.77
CA GLN A 76 -26.45 66.75 -65.68
C GLN A 76 -25.93 65.72 -66.66
N ALA A 77 -25.60 64.54 -66.16
CA ALA A 77 -25.05 63.47 -66.99
C ALA A 77 -26.07 62.99 -68.01
N PHE A 78 -27.31 62.85 -67.57
CA PHE A 78 -28.38 62.37 -68.42
C PHE A 78 -28.65 63.39 -69.51
N ALA A 79 -28.69 64.66 -69.12
CA ALA A 79 -29.00 65.74 -70.07
C ALA A 79 -27.97 65.76 -71.19
N GLU A 80 -26.71 65.64 -70.81
CA GLU A 80 -25.61 65.66 -71.74
C GLU A 80 -25.76 64.55 -72.79
N TRP A 81 -26.38 63.44 -72.40
CA TRP A 81 -26.63 62.35 -73.35
C TRP A 81 -27.80 62.67 -74.28
N THR A 82 -28.90 63.17 -73.70
CA THR A 82 -30.10 63.47 -74.46
C THR A 82 -29.93 64.66 -75.41
N ALA A 83 -29.03 65.58 -75.04
CA ALA A 83 -28.61 66.70 -75.90
C ALA A 83 -28.09 66.30 -77.29
N THR A 84 -27.68 65.05 -77.42
CA THR A 84 -27.15 64.50 -78.69
C THR A 84 -28.22 64.08 -79.68
N SER A 85 -29.49 64.16 -79.25
CA SER A 85 -30.66 63.83 -80.10
C SER A 85 -30.64 64.55 -81.45
N GLY A 86 -30.28 65.84 -81.40
CA GLY A 86 -30.23 66.74 -82.56
C GLY A 86 -29.77 66.17 -83.89
N SER A 87 -28.76 65.30 -83.85
CA SER A 87 -28.13 64.80 -85.09
C SER A 87 -28.53 63.38 -85.46
N PHE A 88 -29.60 62.89 -84.85
CA PHE A 88 -30.08 61.55 -85.12
C PHE A 88 -30.40 61.47 -86.58
N PRO A 89 -29.92 60.47 -87.30
CA PRO A 89 -29.41 59.19 -86.84
C PRO A 89 -27.91 59.02 -87.03
N ASP A 90 -27.13 60.09 -86.88
CA ASP A 90 -25.70 59.92 -87.03
C ASP A 90 -25.08 59.36 -85.75
N ASP A 91 -23.84 58.92 -85.88
CA ASP A 91 -23.15 58.29 -84.78
C ASP A 91 -22.93 59.19 -83.59
N ARG A 92 -22.96 60.50 -83.78
CA ARG A 92 -22.86 61.44 -82.64
C ARG A 92 -24.03 61.36 -81.65
N SER A 93 -25.17 60.86 -82.12
CA SER A 93 -26.38 60.80 -81.31
C SER A 93 -26.59 59.47 -80.62
N ILE A 94 -25.58 58.61 -80.61
CA ILE A 94 -25.78 57.28 -80.11
C ILE A 94 -26.17 57.25 -78.64
N PRO A 95 -25.59 58.14 -77.81
CA PRO A 95 -25.99 58.28 -76.42
C PRO A 95 -27.48 58.36 -76.26
N TRP A 96 -28.10 59.23 -77.04
CA TRP A 96 -29.52 59.41 -76.96
C TRP A 96 -30.21 58.19 -77.54
N GLN A 97 -29.60 57.56 -78.53
CA GLN A 97 -30.23 56.41 -79.15
C GLN A 97 -30.38 55.28 -78.16
N ARG A 98 -29.37 55.08 -77.31
CA ARG A 98 -29.39 54.00 -76.33
C ARG A 98 -30.60 54.12 -75.43
N ILE A 99 -30.88 55.35 -75.01
CA ILE A 99 -31.99 55.62 -74.13
C ILE A 99 -33.35 55.40 -74.79
N VAL A 100 -33.51 55.76 -76.05
CA VAL A 100 -34.85 55.70 -76.63
C VAL A 100 -35.04 54.62 -77.68
N ALA A 101 -34.10 53.70 -77.75
CA ALA A 101 -34.26 52.63 -78.72
C ALA A 101 -35.50 51.85 -78.36
N ASN A 102 -36.24 51.52 -79.39
CA ASN A 102 -37.43 50.70 -79.20
C ASN A 102 -37.15 49.32 -78.67
N SER A 103 -36.06 48.73 -79.14
CA SER A 103 -35.64 47.38 -78.82
C SER A 103 -35.22 47.24 -77.37
N ALA A 104 -34.54 48.29 -76.87
CA ALA A 104 -34.05 48.35 -75.50
C ALA A 104 -35.12 48.02 -74.45
N GLN A 105 -34.74 47.18 -73.50
CA GLN A 105 -35.66 46.67 -72.49
C GLN A 105 -35.25 47.00 -71.06
N LYS A 106 -33.95 47.06 -70.82
CA LYS A 106 -33.40 47.02 -69.48
C LYS A 106 -32.25 48.01 -69.33
N VAL A 107 -32.16 48.64 -68.16
CA VAL A 107 -31.08 49.55 -67.85
C VAL A 107 -30.58 49.27 -66.45
N GLY A 108 -29.28 49.46 -66.24
CA GLY A 108 -28.74 49.47 -64.90
C GLY A 108 -27.62 50.47 -64.82
N CYS A 109 -27.65 51.27 -63.76
CA CYS A 109 -26.69 52.33 -63.59
C CYS A 109 -25.87 52.16 -62.32
N GLY A 110 -24.70 52.77 -62.30
CA GLY A 110 -23.77 52.66 -61.17
C GLY A 110 -22.87 53.86 -61.12
N GLU A 111 -22.35 54.17 -59.93
CA GLU A 111 -21.51 55.33 -59.77
C GLU A 111 -20.26 55.09 -58.94
N ALA A 112 -19.41 56.10 -58.96
CA ALA A 112 -18.11 56.08 -58.33
C ALA A 112 -17.73 57.53 -58.08
N THR A 113 -17.09 57.78 -56.96
CA THR A 113 -16.60 59.11 -56.64
C THR A 113 -15.10 59.15 -56.91
N CYS A 114 -14.69 60.02 -57.83
CA CYS A 114 -13.29 60.10 -58.27
C CYS A 114 -12.80 61.51 -57.98
N VAL A 115 -11.50 61.68 -57.88
CA VAL A 115 -10.97 62.98 -57.49
C VAL A 115 -10.05 63.62 -58.49
N LEU A 116 -10.35 64.88 -58.82
CA LEU A 116 -9.41 65.71 -59.57
C LEU A 116 -8.27 65.88 -58.60
N GLU A 117 -7.05 65.52 -59.01
CA GLU A 117 -5.90 65.45 -58.11
C GLU A 117 -5.73 66.74 -57.31
N GLY A 118 -5.72 66.62 -55.98
CA GLY A 118 -5.61 67.75 -55.05
C GLY A 118 -6.50 68.95 -55.32
N ASP A 119 -7.76 68.71 -55.66
CA ASP A 119 -8.67 69.82 -55.96
C ASP A 119 -10.07 69.56 -55.43
N MET A 120 -10.79 68.65 -56.07
CA MET A 120 -12.16 68.34 -55.71
C MET A 120 -12.56 66.92 -56.15
N ALA A 121 -13.71 66.47 -55.67
CA ALA A 121 -14.23 65.15 -56.00
C ALA A 121 -15.43 65.28 -56.91
N TYR A 122 -15.45 64.50 -58.00
CA TYR A 122 -16.58 64.53 -58.92
C TYR A 122 -17.17 63.14 -59.11
N THR A 123 -18.50 63.04 -59.22
CA THR A 123 -19.13 61.72 -59.42
C THR A 123 -19.00 61.25 -60.86
N VAL A 124 -18.79 59.96 -61.09
CA VAL A 124 -18.85 59.40 -62.45
C VAL A 124 -20.05 58.50 -62.56
N ASN A 125 -20.82 58.68 -63.63
CA ASN A 125 -22.02 57.90 -63.83
C ASN A 125 -21.96 56.99 -65.06
N VAL A 126 -22.41 55.75 -64.89
CA VAL A 126 -22.47 54.82 -66.00
C VAL A 126 -23.79 54.09 -66.01
N CYS A 127 -24.41 54.01 -67.18
CA CYS A 127 -25.59 53.19 -67.34
C CYS A 127 -25.39 52.16 -68.44
N TYR A 128 -25.85 50.94 -68.19
CA TYR A 128 -25.76 49.89 -69.19
C TYR A 128 -27.13 49.59 -69.75
N TYR A 129 -27.17 49.17 -71.01
CA TYR A 129 -28.46 48.88 -71.68
C TYR A 129 -28.53 47.48 -72.25
N ASP A 130 -29.72 46.89 -72.20
CA ASP A 130 -29.92 45.61 -72.86
C ASP A 130 -31.30 45.60 -73.51
N PRO A 131 -31.46 45.05 -74.72
CA PRO A 131 -30.38 44.50 -75.59
C PRO A 131 -29.45 45.59 -76.09
N PRO A 132 -28.25 45.22 -76.58
CA PRO A 132 -27.41 46.31 -77.04
C PRO A 132 -27.91 46.92 -78.35
N LEU A 133 -27.51 48.16 -78.60
CA LEU A 133 -27.91 48.89 -79.78
C LEU A 133 -27.45 48.18 -81.05
N SER A 134 -28.32 48.10 -82.06
CA SER A 134 -27.95 47.49 -83.34
C SER A 134 -27.97 48.50 -84.49
N ASP A 135 -28.40 48.01 -85.66
CA ASP A 135 -28.64 48.83 -86.83
C ASP A 135 -29.91 49.66 -86.66
N TYR A 136 -29.99 50.75 -87.43
CA TYR A 136 -31.12 51.66 -87.50
C TYR A 136 -32.48 50.98 -87.56
N TYR A 137 -32.61 49.98 -88.41
CA TYR A 137 -33.92 49.31 -88.62
C TYR A 137 -34.29 48.45 -87.43
N THR A 138 -33.34 47.69 -86.89
CA THR A 138 -33.59 46.78 -85.79
C THR A 138 -34.01 47.53 -84.56
N ASN A 139 -33.35 48.66 -84.32
CA ASN A 139 -33.58 49.48 -83.16
C ASN A 139 -35.00 49.91 -82.98
N ALA A 140 -35.69 50.19 -84.08
CA ALA A 140 -37.06 50.69 -84.00
C ALA A 140 -38.10 49.57 -84.12
N GLY A 141 -37.65 48.31 -84.18
CA GLY A 141 -38.50 47.20 -84.61
C GLY A 141 -39.79 47.02 -83.84
N PHE B 10 -18.84 10.40 -47.08
CA PHE B 10 -18.58 11.86 -47.13
C PHE B 10 -17.11 12.18 -47.42
N ASP B 11 -16.90 13.02 -48.42
CA ASP B 11 -15.55 13.39 -48.84
C ASP B 11 -15.31 14.90 -48.68
N PRO B 12 -14.47 15.28 -47.69
CA PRO B 12 -14.12 16.70 -47.40
C PRO B 12 -13.56 17.49 -48.59
N ASP B 13 -12.58 16.90 -49.27
CA ASP B 13 -11.92 17.54 -50.40
C ASP B 13 -12.91 17.87 -51.51
N SER B 14 -13.72 16.89 -51.89
CA SER B 14 -14.70 17.04 -52.98
C SER B 14 -15.83 17.99 -52.57
N PHE B 15 -16.31 17.87 -51.32
CA PHE B 15 -17.26 18.83 -50.75
C PHE B 15 -16.67 20.24 -50.83
N LYS B 16 -15.42 20.39 -50.39
CA LYS B 16 -14.78 21.69 -50.39
C LYS B 16 -14.59 22.32 -51.78
N ASN B 17 -14.12 21.55 -52.76
CA ASN B 17 -13.92 22.09 -54.13
C ASN B 17 -15.23 22.52 -54.76
N LYS B 18 -16.20 21.61 -54.74
CA LYS B 18 -17.51 21.86 -55.32
C LYS B 18 -18.08 23.23 -54.90
N TRP B 19 -17.88 23.63 -53.64
CA TRP B 19 -18.27 24.98 -53.18
C TRP B 19 -17.39 26.09 -53.78
N LEU B 20 -16.06 25.95 -53.63
CA LEU B 20 -15.15 26.94 -54.22
C LEU B 20 -15.37 27.14 -55.72
N GLU B 21 -15.74 26.05 -56.41
CA GLU B 21 -16.08 26.07 -57.82
C GLU B 21 -17.30 26.98 -58.05
N LEU B 22 -18.44 26.64 -57.47
CA LEU B 22 -19.65 27.45 -57.59
C LEU B 22 -19.36 28.92 -57.40
N HIS B 23 -18.63 29.24 -56.34
CA HIS B 23 -18.25 30.61 -56.04
C HIS B 23 -17.32 31.19 -57.09
N ASN B 24 -16.20 30.51 -57.36
CA ASN B 24 -15.22 31.07 -58.27
C ASN B 24 -15.65 31.13 -59.73
N ASN B 25 -16.50 30.22 -60.17
CA ASN B 25 -17.15 30.32 -61.49
C ASN B 25 -17.83 31.65 -61.71
N GLU B 26 -18.66 32.02 -60.75
CA GLU B 26 -19.37 33.27 -60.76
C GLU B 26 -18.41 34.45 -60.82
N ARG B 27 -17.36 34.43 -60.01
CA ARG B 27 -16.44 35.55 -60.00
C ARG B 27 -15.49 35.57 -61.20
N THR B 28 -15.17 34.40 -61.74
CA THR B 28 -14.32 34.25 -62.94
C THR B 28 -14.90 35.04 -64.12
N THR B 29 -16.18 34.79 -64.40
CA THR B 29 -16.93 35.42 -65.49
C THR B 29 -16.88 36.93 -65.35
N ARG B 30 -16.88 37.40 -64.12
CA ARG B 30 -17.02 38.80 -63.86
C ARG B 30 -15.71 39.49 -63.54
N GLN B 31 -14.60 38.88 -63.98
CA GLN B 31 -13.24 39.46 -63.87
C GLN B 31 -12.84 39.71 -62.42
N LEU B 32 -13.15 38.77 -61.55
CA LEU B 32 -12.87 38.89 -60.12
C LEU B 32 -11.85 37.86 -59.64
N ASP B 33 -11.10 38.23 -58.59
CA ASP B 33 -10.18 37.34 -57.87
C ASP B 33 -10.86 36.11 -57.29
N SER B 34 -10.18 34.97 -57.32
CA SER B 34 -10.71 33.78 -56.65
C SER B 34 -10.82 33.91 -55.13
N LEU B 35 -11.77 33.21 -54.55
CA LEU B 35 -11.86 33.19 -53.11
C LEU B 35 -11.05 32.02 -52.59
N GLU B 36 -10.43 32.20 -51.41
CA GLU B 36 -9.73 31.14 -50.72
C GLU B 36 -10.64 30.58 -49.64
N TRP B 37 -10.61 29.25 -49.48
CA TRP B 37 -11.31 28.59 -48.39
C TRP B 37 -10.66 28.86 -47.02
N ASP B 38 -11.49 29.02 -46.00
CA ASP B 38 -11.01 29.20 -44.64
C ASP B 38 -11.80 28.25 -43.75
N GLY B 39 -11.08 27.50 -42.93
CA GLY B 39 -11.66 26.47 -42.06
C GLY B 39 -12.53 27.03 -40.95
N ASP B 40 -12.07 28.08 -40.27
CA ASP B 40 -12.84 28.76 -39.22
C ASP B 40 -14.26 29.07 -39.68
N LEU B 41 -14.38 29.67 -40.86
CA LEU B 41 -15.66 30.02 -41.45
C LEU B 41 -16.50 28.78 -41.70
N ALA B 42 -15.86 27.75 -42.26
CA ALA B 42 -16.55 26.48 -42.54
C ALA B 42 -17.12 25.85 -41.29
N TRP B 43 -16.40 25.95 -40.18
CA TRP B 43 -16.91 25.44 -38.92
C TRP B 43 -18.09 26.29 -38.50
N LYS B 44 -17.87 27.62 -38.48
CA LYS B 44 -18.91 28.60 -38.13
C LYS B 44 -20.14 28.40 -38.99
N ALA B 45 -19.92 28.11 -40.26
CA ALA B 45 -20.98 27.77 -41.19
C ALA B 45 -21.78 26.57 -40.73
N GLN B 46 -21.06 25.48 -40.45
CA GLN B 46 -21.65 24.20 -40.08
C GLN B 46 -22.44 24.35 -38.78
N GLN B 47 -21.90 25.18 -37.88
CA GLN B 47 -22.54 25.46 -36.61
C GLN B 47 -23.92 26.09 -36.79
N VAL B 48 -23.97 27.11 -37.64
CA VAL B 48 -25.23 27.78 -37.96
C VAL B 48 -26.12 26.83 -38.77
N ALA B 49 -25.50 26.00 -39.59
CA ALA B 49 -26.25 25.05 -40.42
C ALA B 49 -27.02 24.01 -39.57
N THR B 50 -26.36 23.51 -38.53
CA THR B 50 -26.93 22.46 -37.69
C THR B 50 -28.18 22.88 -36.94
N GLN B 51 -28.37 24.19 -36.80
CA GLN B 51 -29.49 24.73 -36.02
C GLN B 51 -30.85 24.53 -36.66
N CYS B 52 -30.88 24.27 -37.97
CA CYS B 52 -32.12 24.06 -38.73
C CYS B 52 -33.08 25.26 -38.63
N ASN B 53 -32.50 26.45 -38.60
CA ASN B 53 -33.24 27.67 -38.46
C ASN B 53 -32.68 28.54 -39.54
N VAL B 54 -33.46 28.79 -40.57
CA VAL B 54 -32.95 29.65 -41.63
C VAL B 54 -33.22 31.12 -41.34
N ASP B 55 -34.35 31.39 -40.69
CA ASP B 55 -34.84 32.75 -40.42
C ASP B 55 -34.08 33.47 -39.30
N ASN B 56 -33.91 32.78 -38.17
CA ASN B 56 -33.35 33.42 -36.97
C ASN B 56 -32.37 32.55 -36.20
N PRO B 57 -31.25 32.18 -36.83
CA PRO B 57 -30.26 31.36 -36.14
C PRO B 57 -29.54 32.17 -35.08
N GLN B 58 -29.09 31.50 -34.02
CA GLN B 58 -28.25 32.11 -32.99
C GLN B 58 -26.87 32.38 -33.59
N LEU B 59 -26.40 33.63 -33.49
CA LEU B 59 -25.13 34.03 -34.11
C LEU B 59 -24.15 34.67 -33.13
N TRP B 60 -22.88 34.76 -33.51
CA TRP B 60 -21.88 35.36 -32.60
C TRP B 60 -20.68 35.90 -33.35
N GLY B 61 -19.93 36.79 -32.72
CA GLY B 61 -18.67 37.28 -33.27
C GLY B 61 -18.78 38.57 -34.08
N ASP B 62 -17.60 39.17 -34.29
CA ASP B 62 -17.45 40.37 -35.11
C ASP B 62 -18.05 40.26 -36.50
N ASN B 63 -18.22 39.02 -36.96
CA ASN B 63 -18.67 38.74 -38.31
C ASN B 63 -19.88 37.79 -38.36
N GLY B 64 -20.73 37.86 -37.34
CA GLY B 64 -21.84 36.91 -37.21
C GLY B 64 -22.83 36.90 -38.36
N ALA B 65 -23.12 38.10 -38.88
CA ALA B 65 -24.16 38.27 -39.90
C ALA B 65 -23.69 37.97 -41.33
N SER B 66 -22.37 37.83 -41.49
CA SER B 66 -21.73 37.80 -42.80
C SER B 66 -21.78 36.43 -43.49
N PHE B 67 -22.95 36.03 -43.96
CA PHE B 67 -23.14 34.68 -44.48
C PHE B 67 -24.39 34.52 -45.30
N ASN B 68 -24.42 33.46 -46.11
CA ASN B 68 -25.62 33.06 -46.83
C ASN B 68 -26.16 31.75 -46.30
N ILE B 69 -27.45 31.50 -46.50
CA ILE B 69 -28.09 30.30 -46.03
C ILE B 69 -29.18 29.84 -46.99
N GLY B 70 -29.25 28.55 -47.27
CA GLY B 70 -30.27 28.01 -48.19
C GLY B 70 -30.44 26.50 -48.10
N ARG B 71 -31.64 26.05 -48.44
CA ARG B 71 -32.03 24.64 -48.42
C ARG B 71 -31.63 23.89 -49.68
N TYR B 72 -31.68 22.56 -49.58
CA TYR B 72 -31.47 21.59 -50.69
C TYR B 72 -30.01 21.53 -51.19
N THR B 73 -29.79 21.02 -52.41
CA THR B 73 -28.42 20.78 -52.95
C THR B 73 -27.56 22.03 -53.01
N LYS B 74 -26.24 21.86 -52.81
CA LYS B 74 -25.33 23.02 -52.86
C LYS B 74 -25.63 23.88 -54.08
N GLU B 75 -25.94 23.21 -55.19
CA GLU B 75 -26.21 23.90 -56.42
C GLU B 75 -27.51 24.70 -56.33
N GLN B 76 -28.60 24.02 -55.95
CA GLN B 76 -29.89 24.69 -55.78
C GLN B 76 -29.83 25.90 -54.86
N ALA B 77 -29.10 25.77 -53.76
CA ALA B 77 -29.00 26.83 -52.78
C ALA B 77 -28.22 28.00 -53.36
N PHE B 78 -27.12 27.69 -54.04
CA PHE B 78 -26.30 28.74 -54.65
C PHE B 78 -27.06 29.51 -55.73
N ALA B 79 -27.82 28.81 -56.56
CA ALA B 79 -28.70 29.43 -57.55
C ALA B 79 -29.64 30.49 -56.94
N GLU B 80 -30.34 30.13 -55.86
CA GLU B 80 -31.20 31.04 -55.08
C GLU B 80 -30.48 32.34 -54.72
N TRP B 81 -29.21 32.22 -54.36
CA TRP B 81 -28.41 33.37 -53.93
C TRP B 81 -28.06 34.29 -55.08
N THR B 82 -27.68 33.71 -56.22
CA THR B 82 -27.33 34.49 -57.39
C THR B 82 -28.58 35.03 -58.06
N ALA B 83 -29.68 34.30 -57.95
CA ALA B 83 -30.97 34.76 -58.47
C ALA B 83 -31.42 36.12 -57.88
N THR B 84 -30.71 36.61 -56.87
CA THR B 84 -31.05 37.91 -56.29
C THR B 84 -30.29 39.06 -56.95
N SER B 85 -29.43 38.73 -57.93
CA SER B 85 -28.62 39.72 -58.66
C SER B 85 -29.50 40.81 -59.28
N GLY B 86 -30.64 40.38 -59.82
CA GLY B 86 -31.61 41.24 -60.49
C GLY B 86 -31.92 42.59 -59.88
N SER B 87 -32.01 42.66 -58.56
CA SER B 87 -32.37 43.89 -57.89
C SER B 87 -31.15 44.68 -57.36
N PHE B 88 -29.93 44.31 -57.77
CA PHE B 88 -28.72 45.01 -57.31
C PHE B 88 -28.79 46.48 -57.70
N PRO B 89 -28.45 47.42 -56.82
CA PRO B 89 -27.78 47.25 -55.54
C PRO B 89 -28.72 47.50 -54.36
N ASP B 90 -29.96 47.02 -54.45
CA ASP B 90 -30.85 47.15 -53.32
C ASP B 90 -30.56 46.06 -52.28
N ASP B 91 -31.13 46.18 -51.09
CA ASP B 91 -30.85 45.23 -50.03
C ASP B 91 -31.26 43.78 -50.30
N ARG B 92 -32.22 43.55 -51.19
CA ARG B 92 -32.60 42.17 -51.51
C ARG B 92 -31.50 41.36 -52.25
N SER B 93 -30.54 42.06 -52.84
CA SER B 93 -29.48 41.43 -53.62
C SER B 93 -28.29 41.10 -52.76
N ILE B 94 -28.38 41.42 -51.47
CA ILE B 94 -27.25 41.22 -50.54
C ILE B 94 -26.62 39.80 -50.59
N PRO B 95 -27.43 38.71 -50.66
CA PRO B 95 -26.88 37.40 -50.92
C PRO B 95 -25.88 37.38 -52.07
N TRP B 96 -26.30 37.87 -53.23
CA TRP B 96 -25.44 37.87 -54.40
C TRP B 96 -24.27 38.80 -54.20
N GLN B 97 -24.49 39.90 -53.48
CA GLN B 97 -23.41 40.83 -53.22
C GLN B 97 -22.22 40.17 -52.50
N ARG B 98 -22.53 39.34 -51.49
CA ARG B 98 -21.49 38.69 -50.65
C ARG B 98 -20.54 37.86 -51.48
N ILE B 99 -21.13 37.05 -52.37
CA ILE B 99 -20.39 36.25 -53.34
C ILE B 99 -19.49 37.09 -54.24
N VAL B 100 -19.98 38.26 -54.62
CA VAL B 100 -19.41 39.02 -55.72
C VAL B 100 -18.53 40.21 -55.36
N ALA B 101 -18.58 40.64 -54.10
CA ALA B 101 -17.86 41.84 -53.67
C ALA B 101 -16.37 41.74 -53.98
N ASN B 102 -15.86 42.77 -54.63
CA ASN B 102 -14.45 42.88 -54.95
C ASN B 102 -13.54 42.69 -53.71
N SER B 103 -13.97 43.25 -52.59
CA SER B 103 -13.25 43.18 -51.33
C SER B 103 -13.19 41.76 -50.73
N ALA B 104 -14.21 40.93 -50.95
CA ALA B 104 -14.25 39.54 -50.43
C ALA B 104 -13.00 38.76 -50.80
N GLN B 105 -12.38 38.16 -49.78
CA GLN B 105 -11.17 37.32 -49.94
C GLN B 105 -11.43 35.84 -49.66
N LYS B 106 -12.19 35.57 -48.60
CA LYS B 106 -12.33 34.20 -48.10
C LYS B 106 -13.75 33.70 -47.89
N VAL B 107 -13.94 32.41 -48.15
CA VAL B 107 -15.22 31.74 -47.96
C VAL B 107 -15.09 30.39 -47.23
N GLY B 108 -16.08 30.07 -46.40
CA GLY B 108 -16.18 28.78 -45.76
C GLY B 108 -17.62 28.33 -45.69
N CYS B 109 -17.87 27.10 -46.10
CA CYS B 109 -19.22 26.52 -46.17
C CYS B 109 -19.41 25.25 -45.31
N GLY B 110 -20.67 24.97 -45.00
CA GLY B 110 -21.05 23.82 -44.20
C GLY B 110 -22.45 23.39 -44.50
N GLU B 111 -22.76 22.14 -44.18
CA GLU B 111 -24.14 21.66 -44.25
C GLU B 111 -24.59 20.87 -43.03
N ALA B 112 -25.86 20.45 -43.07
CA ALA B 112 -26.49 19.65 -42.03
C ALA B 112 -27.81 19.14 -42.59
N THR B 113 -28.30 18.03 -42.06
CA THR B 113 -29.56 17.51 -42.53
C THR B 113 -30.61 17.74 -41.45
N CYS B 114 -31.75 18.25 -41.87
CA CYS B 114 -32.85 18.50 -40.96
C CYS B 114 -34.01 17.64 -41.39
N VAL B 115 -34.86 17.32 -40.43
CA VAL B 115 -36.00 16.45 -40.68
C VAL B 115 -37.29 17.24 -40.52
N LEU B 116 -38.31 16.87 -41.31
CA LEU B 116 -39.60 17.58 -41.27
C LEU B 116 -40.71 16.74 -40.62
N GLU B 117 -41.59 17.40 -39.88
CA GLU B 117 -42.72 16.74 -39.21
C GLU B 117 -43.57 15.95 -40.22
N GLY B 118 -43.97 16.61 -41.31
CA GLY B 118 -44.82 15.99 -42.32
C GLY B 118 -44.13 15.58 -43.63
N ASP B 119 -42.80 15.64 -43.69
CA ASP B 119 -42.09 15.25 -44.92
C ASP B 119 -40.72 14.60 -44.71
N MET B 120 -40.05 14.27 -45.81
CA MET B 120 -38.70 13.71 -45.77
C MET B 120 -37.67 14.77 -45.33
N ALA B 121 -36.50 14.30 -44.90
CA ALA B 121 -35.38 15.17 -44.56
C ALA B 121 -34.83 15.99 -45.74
N TYR B 122 -34.29 17.17 -45.44
CA TYR B 122 -33.66 18.05 -46.43
C TYR B 122 -32.33 18.60 -45.86
N THR B 123 -31.53 19.21 -46.73
CA THR B 123 -30.22 19.76 -46.36
C THR B 123 -30.29 21.27 -46.16
N VAL B 124 -29.58 21.78 -45.15
CA VAL B 124 -29.39 23.21 -44.96
C VAL B 124 -27.92 23.55 -45.30
N ASN B 125 -27.72 24.57 -46.13
CA ASN B 125 -26.39 25.03 -46.52
C ASN B 125 -26.09 26.42 -46.00
N VAL B 126 -24.87 26.62 -45.52
CA VAL B 126 -24.44 27.94 -45.04
C VAL B 126 -23.04 28.24 -45.53
N CYS B 127 -22.81 29.43 -46.06
CA CYS B 127 -21.44 29.87 -46.37
C CYS B 127 -21.15 31.18 -45.69
N TYR B 128 -19.95 31.31 -45.14
CA TYR B 128 -19.52 32.55 -44.48
C TYR B 128 -18.48 33.27 -45.32
N TYR B 129 -18.41 34.59 -45.18
CA TYR B 129 -17.50 35.39 -46.01
C TYR B 129 -16.61 36.29 -45.19
N ASP B 130 -15.37 36.45 -45.60
CA ASP B 130 -14.53 37.48 -45.03
C ASP B 130 -13.80 38.25 -46.11
N PRO B 131 -13.68 39.60 -46.01
CA PRO B 131 -14.23 40.44 -44.94
C PRO B 131 -15.73 40.58 -45.08
N PRO B 132 -16.43 41.05 -44.03
CA PRO B 132 -17.86 41.14 -44.23
C PRO B 132 -18.17 42.32 -45.16
N LEU B 133 -19.34 42.26 -45.77
CA LEU B 133 -19.84 43.29 -46.65
C LEU B 133 -19.93 44.66 -45.99
N SER B 134 -19.55 45.69 -46.73
CA SER B 134 -19.55 47.07 -46.23
C SER B 134 -20.55 47.98 -47.00
N ASP B 135 -20.19 49.25 -47.17
CA ASP B 135 -20.96 50.18 -47.99
C ASP B 135 -20.77 49.89 -49.47
N TYR B 136 -21.73 50.35 -50.28
CA TYR B 136 -21.75 50.20 -51.74
C TYR B 136 -20.42 50.48 -52.44
N TYR B 137 -19.82 51.63 -52.11
CA TYR B 137 -18.56 52.06 -52.71
C TYR B 137 -17.41 51.14 -52.33
N THR B 138 -17.33 50.77 -51.05
CA THR B 138 -16.25 49.90 -50.57
C THR B 138 -16.25 48.50 -51.23
N ASN B 139 -17.42 47.94 -51.41
CA ASN B 139 -17.47 46.56 -51.86
C ASN B 139 -16.80 46.35 -53.20
N ALA B 140 -16.55 47.43 -53.94
CA ALA B 140 -15.83 47.28 -55.19
C ALA B 140 -14.61 48.16 -55.28
N GLY B 141 -13.47 47.56 -55.59
CA GLY B 141 -12.20 48.29 -55.63
C GLY B 141 -11.35 48.02 -54.41
N PHE C 10 7.02 21.56 -9.30
CA PHE C 10 5.70 21.27 -9.94
C PHE C 10 4.53 21.66 -9.03
N ASP C 11 3.68 22.58 -9.52
CA ASP C 11 2.50 23.05 -8.77
C ASP C 11 1.13 22.72 -9.42
N PRO C 12 0.41 21.74 -8.85
CA PRO C 12 -0.84 21.29 -9.48
C PRO C 12 -1.96 22.33 -9.57
N ASP C 13 -1.95 23.37 -8.73
CA ASP C 13 -2.96 24.44 -8.79
C ASP C 13 -2.84 25.24 -10.08
N SER C 14 -1.66 25.86 -10.27
CA SER C 14 -1.33 26.64 -11.47
C SER C 14 -1.48 25.83 -12.73
N PHE C 15 -1.06 24.57 -12.63
CA PHE C 15 -1.08 23.63 -13.73
C PHE C 15 -2.49 23.49 -14.31
N LYS C 16 -3.47 23.25 -13.45
CA LYS C 16 -4.84 23.11 -13.91
C LYS C 16 -5.39 24.41 -14.47
N ASN C 17 -5.13 25.54 -13.79
CA ASN C 17 -5.57 26.87 -14.26
C ASN C 17 -5.17 27.15 -15.67
N LYS C 18 -3.89 26.94 -15.95
CA LYS C 18 -3.35 27.31 -17.22
C LYS C 18 -3.95 26.48 -18.32
N TRP C 19 -4.05 25.18 -18.11
CA TRP C 19 -4.72 24.31 -19.08
C TRP C 19 -6.18 24.65 -19.28
N LEU C 20 -6.87 24.94 -18.18
CA LEU C 20 -8.27 25.29 -18.25
C LEU C 20 -8.50 26.67 -18.89
N GLU C 21 -7.68 27.65 -18.51
CA GLU C 21 -7.75 28.99 -19.11
C GLU C 21 -7.57 28.91 -20.62
N LEU C 22 -6.49 28.26 -21.06
CA LEU C 22 -6.25 28.05 -22.49
C LEU C 22 -7.44 27.42 -23.18
N HIS C 23 -7.90 26.27 -22.69
CA HIS C 23 -9.01 25.59 -23.36
C HIS C 23 -10.29 26.44 -23.38
N ASN C 24 -10.60 27.09 -22.27
CA ASN C 24 -11.84 27.83 -22.18
C ASN C 24 -11.85 29.17 -22.91
N ASN C 25 -10.73 29.90 -22.91
CA ASN C 25 -10.64 31.12 -23.72
C ASN C 25 -10.96 30.83 -25.17
N GLU C 26 -10.39 29.74 -25.68
CA GLU C 26 -10.70 29.33 -27.02
C GLU C 26 -12.17 28.98 -27.14
N ARG C 27 -12.75 28.43 -26.09
CA ARG C 27 -14.12 27.89 -26.18
C ARG C 27 -15.20 28.95 -26.03
N THR C 28 -14.95 29.88 -25.11
CA THR C 28 -15.80 31.04 -24.83
C THR C 28 -16.11 31.84 -26.10
N THR C 29 -15.02 32.23 -26.78
CA THR C 29 -15.00 32.99 -28.00
C THR C 29 -16.03 32.47 -28.98
N ARG C 30 -16.17 31.15 -28.99
CA ARG C 30 -17.03 30.48 -29.93
C ARG C 30 -18.40 30.10 -29.35
N GLN C 31 -18.78 30.75 -28.23
CA GLN C 31 -20.10 30.56 -27.56
C GLN C 31 -20.37 29.11 -27.20
N LEU C 32 -19.33 28.46 -26.70
CA LEU C 32 -19.43 27.10 -26.19
C LEU C 32 -19.26 27.14 -24.68
N ASP C 33 -19.90 26.17 -24.02
CA ASP C 33 -19.75 25.94 -22.58
C ASP C 33 -18.31 25.59 -22.21
N SER C 34 -17.85 26.06 -21.05
CA SER C 34 -16.53 25.66 -20.51
C SER C 34 -16.38 24.16 -20.28
N LEU C 35 -15.14 23.67 -20.38
CA LEU C 35 -14.84 22.30 -19.96
C LEU C 35 -14.48 22.28 -18.49
N GLU C 36 -14.77 21.17 -17.81
CA GLU C 36 -14.31 21.02 -16.43
C GLU C 36 -13.18 20.02 -16.42
N TRP C 37 -12.33 20.12 -15.39
CA TRP C 37 -11.29 19.12 -15.14
C TRP C 37 -11.81 17.76 -14.70
N ASP C 38 -11.10 16.72 -15.11
CA ASP C 38 -11.37 15.36 -14.69
C ASP C 38 -10.03 14.70 -14.48
N GLY C 39 -9.75 14.37 -13.22
CA GLY C 39 -8.47 13.81 -12.79
C GLY C 39 -8.12 12.49 -13.45
N ASP C 40 -9.12 11.61 -13.59
CA ASP C 40 -8.95 10.33 -14.31
C ASP C 40 -8.31 10.54 -15.68
N LEU C 41 -8.85 11.52 -16.41
CA LEU C 41 -8.29 11.92 -17.69
C LEU C 41 -6.90 12.50 -17.52
N ALA C 42 -6.70 13.37 -16.53
CA ALA C 42 -5.38 13.95 -16.31
C ALA C 42 -4.32 12.90 -15.97
N TRP C 43 -4.74 11.82 -15.31
CA TRP C 43 -3.81 10.76 -14.99
C TRP C 43 -3.52 10.00 -16.26
N LYS C 44 -4.58 9.57 -16.94
CA LYS C 44 -4.44 8.91 -18.23
C LYS C 44 -3.60 9.73 -19.22
N ALA C 45 -3.72 11.05 -19.16
CA ALA C 45 -2.91 11.93 -19.96
C ALA C 45 -1.45 11.74 -19.57
N GLN C 46 -1.17 11.70 -18.28
CA GLN C 46 0.21 11.51 -17.85
C GLN C 46 0.70 10.09 -18.16
N GLN C 47 -0.18 9.10 -18.11
CA GLN C 47 0.15 7.74 -18.55
C GLN C 47 0.74 7.75 -19.96
N VAL C 48 0.09 8.49 -20.85
CA VAL C 48 0.53 8.55 -22.25
C VAL C 48 1.72 9.48 -22.43
N ALA C 49 1.71 10.61 -21.74
CA ALA C 49 2.79 11.57 -21.82
C ALA C 49 4.10 10.96 -21.43
N THR C 50 4.08 10.11 -20.42
CA THR C 50 5.30 9.51 -19.89
C THR C 50 6.05 8.57 -20.87
N GLN C 51 5.35 8.01 -21.84
CA GLN C 51 5.97 7.17 -22.86
C GLN C 51 7.01 7.88 -23.76
N CYS C 52 7.03 9.21 -23.75
CA CYS C 52 7.86 10.03 -24.62
C CYS C 52 7.77 9.65 -26.09
N ASN C 53 6.56 9.34 -26.55
CA ASN C 53 6.33 8.94 -27.94
C ASN C 53 5.16 9.72 -28.52
N VAL C 54 5.49 10.75 -29.31
CA VAL C 54 4.49 11.54 -30.04
C VAL C 54 3.85 10.78 -31.20
N ASP C 55 4.65 9.97 -31.90
CA ASP C 55 4.23 9.39 -33.17
C ASP C 55 3.29 8.20 -33.09
N ASN C 56 3.59 7.25 -32.21
CA ASN C 56 2.75 6.06 -32.07
C ASN C 56 2.80 5.46 -30.66
N PRO C 57 2.25 6.17 -29.66
CA PRO C 57 2.23 5.62 -28.30
C PRO C 57 1.16 4.53 -28.12
N GLN C 58 1.32 3.71 -27.08
CA GLN C 58 0.34 2.68 -26.74
C GLN C 58 -0.85 3.31 -26.05
N LEU C 59 -2.03 2.82 -26.44
CA LEU C 59 -3.28 3.37 -25.95
C LEU C 59 -4.19 2.28 -25.46
N TRP C 60 -5.01 2.63 -24.49
CA TRP C 60 -5.93 1.67 -23.89
C TRP C 60 -7.24 2.34 -23.56
N GLY C 61 -8.29 1.52 -23.46
CA GLY C 61 -9.66 1.97 -23.23
C GLY C 61 -10.41 2.21 -24.53
N ASP C 62 -11.74 2.25 -24.43
CA ASP C 62 -12.60 2.62 -25.56
C ASP C 62 -12.26 4.03 -26.07
N ASN C 63 -11.96 4.94 -25.14
CA ASN C 63 -11.66 6.33 -25.42
C ASN C 63 -10.14 6.62 -25.46
N GLY C 64 -9.38 5.61 -25.91
CA GLY C 64 -7.93 5.70 -25.94
C GLY C 64 -7.41 6.79 -26.86
N ALA C 65 -8.08 6.92 -28.01
CA ALA C 65 -7.65 7.83 -29.08
C ALA C 65 -8.07 9.29 -28.87
N SER C 66 -9.00 9.51 -27.95
CA SER C 66 -9.57 10.83 -27.69
C SER C 66 -8.61 11.79 -26.93
N PHE C 67 -7.48 12.15 -27.54
CA PHE C 67 -6.55 13.05 -26.86
C PHE C 67 -5.72 13.89 -27.81
N ASN C 68 -5.17 14.96 -27.28
CA ASN C 68 -4.25 15.80 -28.01
C ASN C 68 -2.86 15.68 -27.43
N ILE C 69 -1.87 15.82 -28.29
CA ILE C 69 -0.47 15.61 -27.92
C ILE C 69 0.48 16.57 -28.65
N GLY C 70 1.48 17.07 -27.94
CA GLY C 70 2.47 17.99 -28.53
C GLY C 70 3.50 18.50 -27.55
N ARG C 71 4.65 18.96 -28.05
CA ARG C 71 5.77 19.34 -27.18
C ARG C 71 5.87 20.80 -26.76
N TYR C 72 6.90 21.06 -25.94
CA TYR C 72 7.28 22.35 -25.37
C TYR C 72 6.23 22.89 -24.40
N THR C 73 6.19 24.21 -24.20
CA THR C 73 5.27 24.80 -23.22
C THR C 73 3.80 24.64 -23.63
N LYS C 74 2.91 24.77 -22.64
CA LYS C 74 1.47 24.64 -22.87
C LYS C 74 0.99 25.52 -24.03
N GLU C 75 1.40 26.79 -24.02
CA GLU C 75 1.00 27.77 -25.03
C GLU C 75 1.39 27.25 -26.42
N GLN C 76 2.63 26.78 -26.55
CA GLN C 76 3.12 26.25 -27.81
C GLN C 76 2.33 25.02 -28.26
N ALA C 77 2.10 24.09 -27.34
CA ALA C 77 1.38 22.85 -27.67
C ALA C 77 -0.07 23.13 -28.04
N PHE C 78 -0.70 24.01 -27.29
CA PHE C 78 -2.08 24.38 -27.54
C PHE C 78 -2.21 25.13 -28.87
N ALA C 79 -1.33 26.10 -29.09
CA ALA C 79 -1.34 26.92 -30.31
C ALA C 79 -1.24 26.02 -31.55
N GLU C 80 -0.35 25.04 -31.51
CA GLU C 80 -0.19 24.11 -32.60
C GLU C 80 -1.48 23.33 -32.86
N TRP C 81 -2.25 23.06 -31.81
CA TRP C 81 -3.50 22.31 -31.99
C TRP C 81 -4.58 23.16 -32.61
N THR C 82 -4.66 24.41 -32.18
CA THR C 82 -5.68 25.37 -32.63
C THR C 82 -5.37 25.86 -34.04
N ALA C 83 -4.09 26.08 -34.32
CA ALA C 83 -3.65 26.48 -35.66
C ALA C 83 -4.07 25.47 -36.74
N THR C 84 -4.63 24.34 -36.35
CA THR C 84 -5.13 23.38 -37.34
C THR C 84 -6.53 23.72 -37.84
N SER C 85 -7.14 24.74 -37.25
CA SER C 85 -8.51 25.16 -37.55
C SER C 85 -8.73 25.40 -39.03
N GLY C 86 -7.75 26.09 -39.63
CA GLY C 86 -7.71 26.45 -41.04
C GLY C 86 -8.20 25.43 -42.04
N SER C 87 -7.89 24.16 -41.83
CA SER C 87 -8.31 23.19 -42.83
C SER C 87 -9.63 22.49 -42.53
N PHE C 88 -10.43 23.02 -41.61
CA PHE C 88 -11.71 22.39 -41.30
C PHE C 88 -12.56 22.41 -42.57
N PRO C 89 -13.26 21.32 -42.95
CA PRO C 89 -13.43 20.07 -42.19
C PRO C 89 -12.50 18.93 -42.61
N ASP C 90 -11.26 19.24 -42.97
CA ASP C 90 -10.29 18.17 -43.22
C ASP C 90 -9.89 17.47 -41.91
N ASP C 91 -9.52 16.20 -42.02
CA ASP C 91 -9.05 15.44 -40.88
C ASP C 91 -7.82 16.05 -40.20
N ARG C 92 -7.06 16.86 -40.92
CA ARG C 92 -5.92 17.58 -40.36
C ARG C 92 -6.30 18.56 -39.24
N SER C 93 -7.58 18.98 -39.22
CA SER C 93 -8.09 19.89 -38.18
C SER C 93 -8.68 19.19 -36.95
N ILE C 94 -8.57 17.85 -36.90
CA ILE C 94 -9.04 17.05 -35.74
C ILE C 94 -8.53 17.57 -34.37
N PRO C 95 -7.23 17.92 -34.25
CA PRO C 95 -6.76 18.55 -32.99
C PRO C 95 -7.61 19.69 -32.47
N TRP C 96 -7.91 20.64 -33.35
CA TRP C 96 -8.72 21.78 -33.01
C TRP C 96 -10.15 21.33 -32.76
N GLN C 97 -10.63 20.39 -33.58
CA GLN C 97 -11.98 19.83 -33.40
C GLN C 97 -12.22 19.30 -31.98
N ARG C 98 -11.25 18.56 -31.44
CA ARG C 98 -11.35 17.99 -30.10
C ARG C 98 -11.62 19.06 -29.06
N ILE C 99 -10.91 20.19 -29.18
CA ILE C 99 -11.05 21.31 -28.27
C ILE C 99 -12.44 21.97 -28.34
N VAL C 100 -13.01 22.01 -29.52
CA VAL C 100 -14.15 22.86 -29.79
C VAL C 100 -15.44 22.00 -29.97
N ALA C 101 -15.34 20.70 -29.72
CA ALA C 101 -16.46 19.80 -29.95
C ALA C 101 -17.61 20.16 -29.04
N ASN C 102 -18.81 20.25 -29.60
CA ASN C 102 -20.03 20.53 -28.83
C ASN C 102 -20.25 19.47 -27.75
N SER C 103 -19.94 18.22 -28.10
CA SER C 103 -20.13 17.10 -27.19
C SER C 103 -19.17 17.10 -25.97
N ALA C 104 -17.95 17.65 -26.12
CA ALA C 104 -16.96 17.73 -25.04
C ALA C 104 -17.49 18.35 -23.76
N GLN C 105 -17.23 17.69 -22.63
CA GLN C 105 -17.61 18.14 -21.29
C GLN C 105 -16.37 18.33 -20.43
N LYS C 106 -15.47 17.35 -20.51
CA LYS C 106 -14.34 17.32 -19.62
C LYS C 106 -13.02 17.20 -20.34
N VAL C 107 -12.03 17.84 -19.74
CA VAL C 107 -10.64 17.74 -20.13
C VAL C 107 -9.69 17.28 -18.98
N GLY C 108 -8.71 16.44 -19.30
CA GLY C 108 -7.63 16.22 -18.36
C GLY C 108 -6.29 16.33 -19.05
N CYS C 109 -5.37 17.11 -18.46
CA CYS C 109 -4.01 17.28 -19.00
C CYS C 109 -2.88 16.76 -18.09
N GLY C 110 -1.76 16.36 -18.71
CA GLY C 110 -0.59 15.81 -18.03
C GLY C 110 0.71 16.08 -18.77
N GLU C 111 1.82 15.95 -18.05
CA GLU C 111 3.12 16.21 -18.64
C GLU C 111 4.22 15.19 -18.29
N ALA C 112 5.34 15.27 -18.99
CA ALA C 112 6.42 14.32 -18.85
C ALA C 112 7.65 14.93 -19.45
N THR C 113 8.77 14.96 -18.72
CA THR C 113 9.99 15.54 -19.25
C THR C 113 10.90 14.49 -19.85
N CYS C 114 11.23 14.64 -21.13
CA CYS C 114 12.22 13.72 -21.75
C CYS C 114 13.35 14.54 -22.32
N GLU C 117 18.35 12.24 -27.39
CA GLU C 117 19.69 12.72 -27.70
C GLU C 117 20.34 13.38 -26.49
N GLY C 118 21.64 13.64 -26.60
CA GLY C 118 22.38 14.33 -25.56
C GLY C 118 21.88 15.76 -25.45
N ASP C 119 21.78 16.25 -24.22
CA ASP C 119 21.30 17.61 -23.93
C ASP C 119 19.95 17.91 -24.62
N MET C 120 19.02 16.97 -24.50
CA MET C 120 17.68 17.13 -25.08
C MET C 120 16.60 17.04 -23.99
N ALA C 121 16.45 18.12 -23.25
CA ALA C 121 15.48 18.20 -22.18
C ALA C 121 14.28 19.00 -22.67
N TYR C 122 13.19 18.31 -22.96
CA TYR C 122 12.01 18.98 -23.50
C TYR C 122 10.73 18.40 -22.90
N THR C 123 9.72 19.25 -22.76
CA THR C 123 8.45 18.82 -22.17
C THR C 123 7.50 18.15 -23.18
N VAL C 124 6.80 17.10 -22.77
CA VAL C 124 5.73 16.54 -23.61
C VAL C 124 4.38 16.69 -22.91
N ASN C 125 3.38 17.17 -23.65
CA ASN C 125 2.04 17.45 -23.12
C ASN C 125 0.94 16.63 -23.77
N VAL C 126 0.01 16.18 -22.94
CA VAL C 126 -1.13 15.40 -23.41
C VAL C 126 -2.37 15.88 -22.69
N CYS C 127 -3.47 16.06 -23.43
CA CYS C 127 -4.77 16.37 -22.86
C CYS C 127 -5.80 15.37 -23.39
N TYR C 128 -6.64 14.86 -22.50
CA TYR C 128 -7.68 13.92 -22.89
C TYR C 128 -9.06 14.59 -22.83
N TYR C 129 -9.99 14.16 -23.68
CA TYR C 129 -11.33 14.77 -23.73
C TYR C 129 -12.42 13.73 -23.51
N ASP C 130 -13.47 14.12 -22.82
CA ASP C 130 -14.65 13.26 -22.70
C ASP C 130 -15.89 14.09 -22.94
N PRO C 131 -16.92 13.57 -23.65
CA PRO C 131 -16.90 12.27 -24.37
C PRO C 131 -16.01 12.30 -25.60
N PRO C 132 -15.68 11.12 -26.19
CA PRO C 132 -14.87 11.13 -27.38
C PRO C 132 -15.55 11.94 -28.50
N LEU C 133 -14.75 12.77 -29.17
CA LEU C 133 -15.17 13.54 -30.35
C LEU C 133 -15.92 12.68 -31.40
N SER C 134 -17.11 13.14 -31.79
CA SER C 134 -17.85 12.53 -32.91
C SER C 134 -17.41 13.21 -34.20
N ASP C 135 -18.00 12.78 -35.31
CA ASP C 135 -17.73 13.46 -36.56
C ASP C 135 -18.84 14.46 -36.91
N TYR C 136 -18.42 15.55 -37.50
CA TYR C 136 -19.33 16.58 -37.97
C TYR C 136 -20.27 16.11 -39.10
N TYR C 137 -19.77 15.35 -40.08
CA TYR C 137 -20.65 14.90 -41.17
C TYR C 137 -20.78 13.36 -41.29
N THR C 138 -22.03 12.93 -41.56
CA THR C 138 -22.43 11.52 -41.74
C THR C 138 -21.41 10.62 -42.46
N GLN D 9 -14.11 -14.22 14.78
CA GLN D 9 -12.63 -14.46 14.89
C GLN D 9 -11.90 -13.74 13.75
N PHE D 10 -11.15 -14.46 12.92
CA PHE D 10 -10.31 -13.86 11.90
C PHE D 10 -9.86 -14.90 10.90
N ASP D 11 -9.74 -14.51 9.63
CA ASP D 11 -9.33 -15.42 8.60
C ASP D 11 -8.34 -14.78 7.66
N PRO D 12 -7.10 -14.60 8.13
CA PRO D 12 -5.96 -13.93 7.51
C PRO D 12 -5.88 -14.11 5.99
N ASP D 13 -5.97 -15.35 5.52
CA ASP D 13 -5.88 -15.61 4.11
C ASP D 13 -6.94 -14.88 3.34
N SER D 14 -8.17 -14.92 3.82
CA SER D 14 -9.25 -14.23 3.15
C SER D 14 -8.97 -12.74 3.12
N PHE D 15 -8.57 -12.24 4.28
CA PHE D 15 -8.28 -10.85 4.48
C PHE D 15 -7.23 -10.40 3.50
N LYS D 16 -6.14 -11.15 3.37
CA LYS D 16 -5.09 -10.71 2.47
C LYS D 16 -5.58 -10.71 1.03
N ASN D 17 -6.40 -11.69 0.67
CA ASN D 17 -6.93 -11.80 -0.68
C ASN D 17 -7.71 -10.57 -1.06
N LYS D 18 -8.60 -10.17 -0.15
CA LYS D 18 -9.53 -9.10 -0.44
C LYS D 18 -8.80 -7.78 -0.67
N TRP D 19 -7.88 -7.42 0.20
CA TRP D 19 -7.13 -6.17 -0.01
C TRP D 19 -6.31 -6.16 -1.30
N LEU D 20 -5.71 -7.30 -1.63
CA LEU D 20 -4.98 -7.43 -2.89
C LEU D 20 -5.91 -7.32 -4.09
N GLU D 21 -7.06 -8.00 -3.99
CA GLU D 21 -8.08 -8.01 -5.04
C GLU D 21 -8.51 -6.57 -5.34
N LEU D 22 -8.91 -5.84 -4.29
CA LEU D 22 -9.32 -4.45 -4.43
C LEU D 22 -8.25 -3.60 -5.07
N HIS D 23 -7.06 -3.57 -4.48
CA HIS D 23 -5.96 -2.80 -5.04
C HIS D 23 -5.60 -3.21 -6.46
N ASN D 24 -5.42 -4.50 -6.70
CA ASN D 24 -4.98 -4.95 -8.01
C ASN D 24 -6.03 -4.83 -9.12
N ASN D 25 -7.30 -5.03 -8.78
CA ASN D 25 -8.39 -4.82 -9.75
C ASN D 25 -8.35 -3.44 -10.36
N GLU D 26 -8.22 -2.44 -9.49
CA GLU D 26 -8.05 -1.07 -9.89
C GLU D 26 -6.86 -0.92 -10.81
N ARG D 27 -5.74 -1.51 -10.41
CA ARG D 27 -4.49 -1.39 -11.12
C ARG D 27 -4.44 -2.17 -12.46
N THR D 28 -5.09 -3.33 -12.49
CA THR D 28 -5.19 -4.17 -13.68
C THR D 28 -5.86 -3.40 -14.81
N THR D 29 -6.98 -2.76 -14.48
CA THR D 29 -7.75 -1.99 -15.47
C THR D 29 -6.92 -0.86 -16.08
N ARG D 30 -6.06 -0.25 -15.28
CA ARG D 30 -5.28 0.88 -15.71
C ARG D 30 -3.90 0.52 -16.21
N GLN D 31 -3.74 -0.74 -16.65
CA GLN D 31 -2.48 -1.25 -17.21
C GLN D 31 -1.30 -1.06 -16.28
N LEU D 32 -1.56 -1.32 -15.01
CA LEU D 32 -0.54 -1.14 -14.00
C LEU D 32 -0.02 -2.48 -13.46
N ASP D 33 1.22 -2.45 -13.00
CA ASP D 33 1.85 -3.57 -12.29
C ASP D 33 1.04 -3.97 -11.06
N SER D 34 0.86 -5.26 -10.82
CA SER D 34 0.22 -5.71 -9.57
C SER D 34 1.05 -5.32 -8.35
N LEU D 35 0.36 -5.03 -7.24
CA LEU D 35 1.02 -4.77 -5.98
C LEU D 35 1.32 -6.06 -5.24
N GLU D 36 2.42 -6.04 -4.49
CA GLU D 36 2.79 -7.21 -3.68
C GLU D 36 2.61 -6.95 -2.20
N TRP D 37 2.15 -7.98 -1.47
CA TRP D 37 1.96 -7.92 -0.01
C TRP D 37 3.26 -7.82 0.80
N ASP D 38 3.23 -7.07 1.90
CA ASP D 38 4.39 -6.96 2.77
C ASP D 38 3.91 -6.87 4.21
N GLY D 39 4.19 -7.94 4.95
CA GLY D 39 3.77 -8.12 6.34
C GLY D 39 4.28 -7.04 7.29
N ASP D 40 5.54 -6.65 7.13
CA ASP D 40 6.12 -5.55 7.94
C ASP D 40 5.22 -4.30 7.90
N LEU D 41 4.76 -3.95 6.68
CA LEU D 41 3.76 -2.92 6.47
C LEU D 41 2.42 -3.27 7.10
N ALA D 42 1.86 -4.43 6.76
CA ALA D 42 0.57 -4.86 7.35
C ALA D 42 0.57 -4.80 8.89
N TRP D 43 1.75 -5.03 9.46
CA TRP D 43 1.93 -4.85 10.88
C TRP D 43 1.92 -3.37 11.24
N LYS D 44 2.82 -2.57 10.66
CA LYS D 44 2.84 -1.11 10.87
C LYS D 44 1.44 -0.52 10.71
N ALA D 45 0.66 -1.13 9.81
CA ALA D 45 -0.72 -0.72 9.59
C ALA D 45 -1.57 -0.94 10.82
N GLN D 46 -1.52 -2.17 11.35
CA GLN D 46 -2.31 -2.50 12.51
C GLN D 46 -1.90 -1.71 13.77
N GLN D 47 -0.61 -1.42 13.89
CA GLN D 47 -0.08 -0.53 14.94
C GLN D 47 -0.89 0.75 14.98
N VAL D 48 -1.16 1.27 13.78
CA VAL D 48 -1.87 2.52 13.61
C VAL D 48 -3.38 2.36 13.79
N ALA D 49 -3.96 1.33 13.18
CA ALA D 49 -5.40 1.03 13.29
C ALA D 49 -5.92 0.97 14.73
N THR D 50 -5.16 0.33 15.61
CA THR D 50 -5.59 0.10 16.99
C THR D 50 -5.75 1.38 17.82
N GLN D 51 -5.11 2.47 17.41
CA GLN D 51 -5.25 3.77 18.09
C GLN D 51 -6.66 4.40 18.06
N CYS D 52 -7.53 3.94 17.14
CA CYS D 52 -8.89 4.51 16.93
C CYS D 52 -8.90 6.01 16.69
N ASN D 53 -7.88 6.48 15.98
CA ASN D 53 -7.69 7.90 15.76
C ASN D 53 -7.39 8.13 14.28
N VAL D 54 -8.48 8.20 13.51
CA VAL D 54 -8.46 8.48 12.07
C VAL D 54 -7.88 9.84 11.71
N ASP D 55 -8.15 10.84 12.55
CA ASP D 55 -7.83 12.23 12.22
C ASP D 55 -6.38 12.58 12.48
N ASN D 56 -5.85 12.17 13.64
CA ASN D 56 -4.45 12.43 13.93
C ASN D 56 -3.70 11.37 14.76
N PRO D 57 -3.45 10.18 14.15
CA PRO D 57 -2.77 9.10 14.86
C PRO D 57 -1.26 9.34 15.05
N GLN D 58 -0.70 8.70 16.08
CA GLN D 58 0.73 8.78 16.40
C GLN D 58 1.48 7.95 15.37
N LEU D 59 2.48 8.55 14.74
CA LEU D 59 3.22 7.87 13.68
C LEU D 59 4.70 7.77 13.99
N TRP D 60 5.27 6.62 13.67
CA TRP D 60 6.70 6.40 13.83
C TRP D 60 7.31 6.03 12.47
N GLY D 61 8.60 6.34 12.31
CA GLY D 61 9.38 5.85 11.18
C GLY D 61 9.47 6.78 9.99
N ASP D 62 10.34 6.43 9.05
CA ASP D 62 10.66 7.23 7.88
C ASP D 62 9.45 7.39 6.97
N ASN D 63 8.79 6.28 6.69
CA ASN D 63 7.59 6.28 5.87
C ASN D 63 6.36 6.18 6.76
N GLY D 64 6.38 6.97 7.85
CA GLY D 64 5.27 7.03 8.79
C GLY D 64 3.97 7.48 8.15
N ALA D 65 4.06 8.46 7.26
CA ALA D 65 2.89 9.07 6.65
C ALA D 65 2.32 8.29 5.45
N SER D 66 3.07 7.32 4.93
CA SER D 66 2.72 6.63 3.69
C SER D 66 1.57 5.62 3.80
N PHE D 67 0.35 6.10 4.08
CA PHE D 67 -0.78 5.19 4.25
C PHE D 67 -2.15 5.81 4.02
N ASN D 68 -3.11 4.93 3.73
CA ASN D 68 -4.55 5.24 3.64
C ASN D 68 -5.29 4.73 4.86
N ILE D 69 -6.22 5.55 5.36
CA ILE D 69 -6.99 5.21 6.56
C ILE D 69 -8.47 5.52 6.34
N GLY D 70 -9.35 4.65 6.83
CA GLY D 70 -10.80 4.84 6.69
C GLY D 70 -11.68 3.85 7.40
N ARG D 71 -12.96 4.20 7.58
CA ARG D 71 -13.92 3.44 8.40
C ARG D 71 -14.70 2.36 7.66
N TYR D 72 -15.43 1.53 8.42
CA TYR D 72 -16.40 0.51 7.94
C TYR D 72 -15.81 -0.64 7.09
N THR D 73 -16.60 -1.25 6.21
CA THR D 73 -16.11 -2.39 5.42
C THR D 73 -15.00 -1.96 4.46
N LYS D 74 -14.15 -2.92 4.13
CA LYS D 74 -13.02 -2.67 3.25
C LYS D 74 -13.45 -2.00 1.94
N GLU D 75 -14.47 -2.57 1.31
CA GLU D 75 -14.95 -2.08 0.01
C GLU D 75 -15.36 -0.62 0.11
N GLN D 76 -16.14 -0.30 1.15
CA GLN D 76 -16.54 1.09 1.42
C GLN D 76 -15.36 2.00 1.63
N ALA D 77 -14.42 1.58 2.47
CA ALA D 77 -13.24 2.40 2.77
C ALA D 77 -12.40 2.61 1.54
N PHE D 78 -12.30 1.56 0.72
CA PHE D 78 -11.50 1.58 -0.49
C PHE D 78 -12.14 2.53 -1.48
N ALA D 79 -13.46 2.40 -1.63
CA ALA D 79 -14.25 3.22 -2.53
C ALA D 79 -14.02 4.70 -2.25
N GLU D 80 -14.07 5.06 -0.97
CA GLU D 80 -13.81 6.41 -0.52
C GLU D 80 -12.43 6.88 -0.97
N TRP D 81 -11.48 5.98 -1.07
CA TRP D 81 -10.15 6.38 -1.48
C TRP D 81 -10.07 6.58 -2.99
N THR D 82 -10.73 5.68 -3.71
CA THR D 82 -10.72 5.75 -5.17
C THR D 82 -11.61 6.88 -5.66
N ALA D 83 -12.63 7.24 -4.89
CA ALA D 83 -13.51 8.35 -5.24
C ALA D 83 -12.80 9.74 -5.30
N THR D 84 -11.60 9.84 -4.73
CA THR D 84 -10.81 11.08 -4.76
C THR D 84 -10.04 11.29 -6.09
N SER D 85 -10.18 10.34 -7.00
CA SER D 85 -9.50 10.39 -8.31
C SER D 85 -9.76 11.67 -9.08
N GLY D 86 -11.01 12.15 -9.07
CA GLY D 86 -11.42 13.39 -9.77
C GLY D 86 -10.56 14.62 -9.57
N SER D 87 -10.08 14.83 -8.36
CA SER D 87 -9.26 15.98 -8.01
C SER D 87 -7.87 15.97 -8.69
N PHE D 88 -7.39 14.78 -9.08
CA PHE D 88 -5.99 14.55 -9.56
C PHE D 88 -5.48 15.51 -10.64
N PRO D 89 -4.30 16.12 -10.48
CA PRO D 89 -3.33 15.81 -9.45
C PRO D 89 -3.36 16.83 -8.30
N ASP D 90 -4.55 17.10 -7.80
CA ASP D 90 -4.63 17.86 -6.56
C ASP D 90 -4.24 17.00 -5.34
N ASP D 91 -3.89 17.66 -4.24
CA ASP D 91 -3.57 16.97 -2.99
C ASP D 91 -4.74 16.12 -2.45
N ARG D 92 -5.97 16.50 -2.75
CA ARG D 92 -7.14 15.76 -2.29
C ARG D 92 -7.26 14.35 -2.88
N SER D 93 -6.62 14.13 -4.03
CA SER D 93 -6.60 12.81 -4.65
C SER D 93 -5.44 11.92 -4.20
N ILE D 94 -4.60 12.41 -3.27
CA ILE D 94 -3.47 11.62 -2.74
C ILE D 94 -3.85 10.17 -2.32
N PRO D 95 -4.97 9.98 -1.61
CA PRO D 95 -5.50 8.63 -1.38
C PRO D 95 -5.49 7.78 -2.60
N TRP D 96 -6.05 8.29 -3.68
CA TRP D 96 -6.04 7.52 -4.90
C TRP D 96 -4.65 7.46 -5.50
N GLN D 97 -3.86 8.51 -5.28
CA GLN D 97 -2.49 8.54 -5.78
C GLN D 97 -1.66 7.37 -5.27
N ARG D 98 -1.78 7.06 -3.98
CA ARG D 98 -1.05 5.95 -3.35
C ARG D 98 -1.39 4.66 -3.98
N ILE D 99 -2.68 4.43 -4.19
CA ILE D 99 -3.17 3.22 -4.82
C ILE D 99 -2.65 3.00 -6.24
N VAL D 100 -2.42 4.07 -7.00
CA VAL D 100 -2.13 3.90 -8.42
C VAL D 100 -0.77 4.36 -8.87
N ALA D 101 0.05 4.89 -7.97
CA ALA D 101 1.38 5.35 -8.37
C ALA D 101 2.15 4.19 -8.98
N ASN D 102 2.61 4.35 -10.22
CA ASN D 102 3.38 3.28 -10.84
C ASN D 102 4.61 2.89 -10.03
N SER D 103 5.17 3.85 -9.28
CA SER D 103 6.30 3.59 -8.39
C SER D 103 5.95 2.63 -7.24
N ALA D 104 4.70 2.66 -6.77
CA ALA D 104 4.32 1.82 -5.63
C ALA D 104 4.56 0.33 -5.92
N GLN D 105 5.28 -0.36 -5.04
CA GLN D 105 5.63 -1.79 -5.21
C GLN D 105 4.78 -2.67 -4.32
N LYS D 106 4.67 -2.25 -3.06
CA LYS D 106 4.10 -3.07 -2.01
C LYS D 106 3.05 -2.39 -1.13
N VAL D 107 2.04 -3.18 -0.79
CA VAL D 107 0.98 -2.79 0.13
C VAL D 107 0.84 -3.74 1.33
N GLY D 108 0.61 -3.18 2.52
CA GLY D 108 0.17 -3.97 3.67
C GLY D 108 -1.02 -3.33 4.37
N CYS D 109 -2.03 -4.13 4.69
CA CYS D 109 -3.21 -3.60 5.39
C CYS D 109 -3.49 -4.15 6.81
N GLY D 110 -4.09 -3.28 7.62
CA GLY D 110 -4.50 -3.56 9.00
C GLY D 110 -5.97 -3.24 9.27
N GLU D 111 -6.45 -3.81 10.38
CA GLU D 111 -7.84 -3.71 10.80
C GLU D 111 -7.85 -3.59 12.31
N ALA D 112 -8.78 -2.78 12.81
CA ALA D 112 -9.07 -2.65 14.24
C ALA D 112 -10.57 -2.52 14.41
N THR D 113 -11.09 -2.91 15.58
CA THR D 113 -12.49 -2.67 15.89
C THR D 113 -12.57 -1.60 16.96
N CYS D 114 -13.15 -0.45 16.62
CA CYS D 114 -13.30 0.64 17.57
C CYS D 114 -14.75 0.91 17.89
N VAL D 115 -14.99 1.82 18.83
CA VAL D 115 -16.33 2.14 19.30
C VAL D 115 -16.35 3.54 19.92
N LEU D 116 -17.04 4.46 19.27
CA LEU D 116 -17.41 5.74 19.89
C LEU D 116 -18.48 5.37 20.93
N GLU D 117 -18.42 6.02 22.10
CA GLU D 117 -19.10 5.54 23.30
C GLU D 117 -20.59 5.25 23.08
N GLY D 118 -20.98 4.02 23.38
CA GLY D 118 -22.37 3.54 23.24
C GLY D 118 -23.01 3.79 21.89
N ASP D 119 -22.27 3.50 20.82
CA ASP D 119 -22.78 3.63 19.46
C ASP D 119 -22.34 2.47 18.54
N MET D 120 -22.86 1.28 18.86
CA MET D 120 -22.44 0.02 18.25
C MET D 120 -20.91 -0.10 18.27
N ALA D 121 -20.33 -0.48 17.13
CA ALA D 121 -18.87 -0.58 16.94
C ALA D 121 -18.61 -0.70 15.45
N TYR D 122 -17.51 -0.11 15.00
CA TYR D 122 -17.17 -0.07 13.59
C TYR D 122 -15.71 -0.44 13.37
N THR D 123 -15.37 -0.73 12.13
CA THR D 123 -14.01 -1.18 11.77
C THR D 123 -13.14 -0.01 11.32
N VAL D 124 -11.90 0.08 11.79
CA VAL D 124 -10.94 1.05 11.24
C VAL D 124 -9.89 0.34 10.39
N ASN D 125 -9.83 0.73 9.12
CA ASN D 125 -8.92 0.15 8.14
C ASN D 125 -7.73 1.04 7.85
N VAL D 126 -6.57 0.42 7.71
CA VAL D 126 -5.37 1.13 7.31
C VAL D 126 -4.58 0.29 6.32
N CYS D 127 -4.14 0.88 5.21
CA CYS D 127 -3.20 0.23 4.30
C CYS D 127 -1.95 1.07 4.15
N TYR D 128 -0.80 0.45 4.19
CA TYR D 128 0.46 1.14 4.04
C TYR D 128 1.08 0.84 2.66
N TYR D 129 1.97 1.72 2.20
CA TYR D 129 2.52 1.59 0.85
C TYR D 129 4.02 1.73 0.88
N ASP D 130 4.67 0.93 0.04
CA ASP D 130 6.09 1.11 -0.22
C ASP D 130 6.40 1.07 -1.71
N PRO D 131 7.23 2.00 -2.22
CA PRO D 131 7.83 3.11 -1.44
C PRO D 131 6.82 4.24 -1.22
N PRO D 132 7.17 5.25 -0.39
CA PRO D 132 6.26 6.38 -0.22
C PRO D 132 6.16 7.20 -1.51
N LEU D 133 5.06 7.91 -1.71
CA LEU D 133 4.89 8.80 -2.87
C LEU D 133 5.89 9.93 -2.84
N SER D 134 6.34 10.31 -4.02
CA SER D 134 7.28 11.40 -4.16
C SER D 134 6.63 12.53 -4.98
N ASP D 135 7.43 13.19 -5.80
CA ASP D 135 6.98 14.24 -6.71
C ASP D 135 6.12 13.66 -7.85
N TYR D 136 5.20 14.48 -8.35
CA TYR D 136 4.28 14.12 -9.44
C TYR D 136 4.86 13.22 -10.54
N TYR D 137 6.03 13.61 -11.02
CA TYR D 137 6.73 12.87 -12.09
C TYR D 137 7.14 11.48 -11.63
N THR D 138 7.66 11.41 -10.41
CA THR D 138 8.22 10.18 -9.84
C THR D 138 7.24 9.03 -9.78
N ASN D 139 6.00 9.32 -9.40
CA ASN D 139 5.00 8.28 -9.22
C ASN D 139 4.70 7.50 -10.48
N ALA D 140 4.77 8.13 -11.65
CA ALA D 140 4.52 7.47 -12.92
C ALA D 140 5.53 6.34 -13.19
N PHE E 10 29.69 -23.30 28.57
CA PHE E 10 28.38 -22.64 28.82
C PHE E 10 28.38 -21.60 29.96
N ASP E 11 28.05 -20.36 29.62
CA ASP E 11 27.96 -19.27 30.59
C ASP E 11 26.56 -18.66 30.58
N PRO E 12 25.77 -18.94 31.63
CA PRO E 12 24.37 -18.53 31.77
C PRO E 12 24.13 -17.03 31.65
N ASP E 13 24.96 -16.22 32.32
CA ASP E 13 24.76 -14.77 32.36
C ASP E 13 24.82 -14.18 30.96
N SER E 14 25.83 -14.55 30.18
CA SER E 14 25.97 -14.06 28.81
C SER E 14 24.86 -14.63 27.93
N PHE E 15 24.56 -15.91 28.15
CA PHE E 15 23.50 -16.62 27.45
C PHE E 15 22.17 -15.86 27.52
N LYS E 16 21.76 -15.49 28.74
CA LYS E 16 20.53 -14.75 28.96
C LYS E 16 20.57 -13.40 28.25
N ASN E 17 21.69 -12.70 28.39
CA ASN E 17 21.84 -11.38 27.79
C ASN E 17 21.72 -11.42 26.29
N LYS E 18 22.39 -12.38 25.65
CA LYS E 18 22.33 -12.48 24.21
C LYS E 18 20.91 -12.72 23.70
N TRP E 19 20.17 -13.63 24.32
CA TRP E 19 18.81 -13.89 23.87
C TRP E 19 17.90 -12.71 24.07
N LEU E 20 18.10 -12.00 25.18
CA LEU E 20 17.33 -10.80 25.46
C LEU E 20 17.61 -9.66 24.48
N GLU E 21 18.88 -9.41 24.20
CA GLU E 21 19.30 -8.41 23.21
C GLU E 21 18.63 -8.67 21.86
N LEU E 22 18.80 -9.87 21.31
CA LEU E 22 18.11 -10.28 20.09
C LEU E 22 16.62 -9.95 20.11
N HIS E 23 15.91 -10.39 21.14
CA HIS E 23 14.47 -10.16 21.23
C HIS E 23 14.15 -8.68 21.36
N ASN E 24 14.83 -8.03 22.29
CA ASN E 24 14.54 -6.64 22.59
C ASN E 24 14.96 -5.64 21.51
N ASN E 25 16.06 -5.91 20.80
CA ASN E 25 16.42 -5.10 19.64
C ASN E 25 15.30 -5.04 18.62
N GLU E 26 14.77 -6.21 18.28
CA GLU E 26 13.64 -6.30 17.37
C GLU E 26 12.44 -5.49 17.86
N ARG E 27 12.18 -5.55 19.15
CA ARG E 27 11.04 -4.88 19.75
C ARG E 27 11.22 -3.37 19.94
N THR E 28 12.44 -2.96 20.33
CA THR E 28 12.81 -1.53 20.50
C THR E 28 12.54 -0.77 19.20
N THR E 29 13.05 -1.32 18.10
CA THR E 29 12.90 -0.81 16.74
C THR E 29 11.45 -0.51 16.43
N ARG E 30 10.56 -1.37 16.86
CA ARG E 30 9.15 -1.29 16.48
C ARG E 30 8.28 -0.68 17.57
N GLN E 31 8.91 0.09 18.47
CA GLN E 31 8.20 0.83 19.55
C GLN E 31 7.41 -0.10 20.48
N LEU E 32 8.04 -1.21 20.85
CA LEU E 32 7.42 -2.19 21.73
C LEU E 32 8.11 -2.21 23.06
N ASP E 33 7.38 -2.63 24.08
CA ASP E 33 7.98 -2.85 25.39
C ASP E 33 8.96 -4.03 25.40
N SER E 34 10.00 -3.93 26.21
CA SER E 34 10.98 -5.00 26.34
C SER E 34 10.34 -6.27 26.93
N LEU E 35 10.87 -7.42 26.56
CA LEU E 35 10.47 -8.66 27.20
C LEU E 35 11.32 -8.89 28.45
N GLU E 36 10.74 -9.53 29.46
CA GLU E 36 11.50 -9.94 30.65
C GLU E 36 11.78 -11.43 30.63
N TRP E 37 12.95 -11.80 31.16
CA TRP E 37 13.36 -13.20 31.27
C TRP E 37 12.53 -13.97 32.33
N ASP E 38 12.22 -15.23 32.01
CA ASP E 38 11.56 -16.10 32.95
C ASP E 38 12.15 -17.51 32.91
N GLY E 39 12.81 -17.85 34.02
CA GLY E 39 13.55 -19.11 34.21
C GLY E 39 12.71 -20.34 33.96
N ASP E 40 11.45 -20.27 34.39
CA ASP E 40 10.56 -21.41 34.21
C ASP E 40 10.39 -21.75 32.74
N LEU E 41 10.19 -20.71 31.92
CA LEU E 41 10.12 -20.86 30.49
C LEU E 41 11.44 -21.39 29.94
N ALA E 42 12.56 -20.82 30.40
CA ALA E 42 13.87 -21.24 29.97
C ALA E 42 14.13 -22.69 30.27
N TRP E 43 13.67 -23.13 31.44
CA TRP E 43 13.85 -24.52 31.80
C TRP E 43 13.05 -25.37 30.85
N LYS E 44 11.81 -24.95 30.63
CA LYS E 44 10.92 -25.65 29.73
C LYS E 44 11.50 -25.68 28.33
N ALA E 45 12.15 -24.60 27.92
CA ALA E 45 12.71 -24.52 26.60
C ALA E 45 13.77 -25.56 26.44
N GLN E 46 14.63 -25.71 27.44
CA GLN E 46 15.73 -26.66 27.36
C GLN E 46 15.23 -28.10 27.31
N GLN E 47 14.13 -28.36 28.00
CA GLN E 47 13.54 -29.68 27.99
C GLN E 47 13.20 -30.12 26.58
N VAL E 48 12.61 -29.21 25.83
CA VAL E 48 12.21 -29.49 24.46
C VAL E 48 13.42 -29.58 23.55
N ALA E 49 14.44 -28.78 23.84
CA ALA E 49 15.65 -28.77 23.04
C ALA E 49 16.39 -30.08 23.09
N THR E 50 16.44 -30.69 24.27
CA THR E 50 17.22 -31.91 24.48
C THR E 50 16.69 -33.11 23.72
N GLN E 51 15.41 -33.08 23.35
CA GLN E 51 14.82 -34.17 22.56
C GLN E 51 15.40 -34.38 21.14
N CYS E 52 16.05 -33.35 20.60
CA CYS E 52 16.58 -33.32 19.22
C CYS E 52 15.55 -33.59 18.13
N ASN E 53 14.37 -32.99 18.27
CA ASN E 53 13.27 -33.22 17.34
C ASN E 53 12.50 -31.94 17.04
N VAL E 54 13.09 -31.11 16.16
CA VAL E 54 12.47 -29.85 15.72
C VAL E 54 11.14 -30.02 15.00
N ASP E 55 10.96 -31.16 14.33
CA ASP E 55 9.77 -31.36 13.51
C ASP E 55 8.59 -31.81 14.35
N ASN E 56 8.85 -32.68 15.32
CA ASN E 56 7.76 -33.30 16.06
C ASN E 56 8.06 -33.63 17.52
N PRO E 57 8.28 -32.61 18.36
CA PRO E 57 8.66 -32.84 19.75
C PRO E 57 7.48 -33.26 20.62
N GLN E 58 7.80 -33.88 21.76
CA GLN E 58 6.82 -34.21 22.80
C GLN E 58 6.55 -32.91 23.60
N LEU E 59 5.29 -32.55 23.78
CA LEU E 59 4.99 -31.31 24.50
C LEU E 59 4.03 -31.54 25.65
N TRP E 60 4.22 -30.77 26.71
CA TRP E 60 3.34 -30.83 27.86
C TRP E 60 2.93 -29.43 28.25
N GLY E 61 1.79 -29.32 28.92
CA GLY E 61 1.35 -28.03 29.47
C GLY E 61 0.36 -27.31 28.57
N ASP E 62 -0.32 -26.32 29.15
CA ASP E 62 -1.29 -25.44 28.47
C ASP E 62 -0.60 -24.56 27.44
N ASN E 63 0.42 -23.84 27.88
CA ASN E 63 1.28 -23.07 26.98
C ASN E 63 2.29 -23.99 26.28
N GLY E 64 1.89 -25.24 26.04
CA GLY E 64 2.72 -26.26 25.41
C GLY E 64 3.30 -25.88 24.06
N ALA E 65 2.47 -25.25 23.23
CA ALA E 65 2.81 -24.90 21.85
C ALA E 65 3.48 -23.52 21.68
N SER E 66 3.49 -22.73 22.74
CA SER E 66 3.96 -21.35 22.68
C SER E 66 5.49 -21.19 22.65
N PHE E 67 6.10 -21.62 21.56
CA PHE E 67 7.55 -21.56 21.45
C PHE E 67 8.06 -21.50 20.01
N ASN E 68 9.26 -20.94 19.88
CA ASN E 68 10.06 -21.05 18.66
C ASN E 68 11.17 -22.06 18.80
N ILE E 69 11.50 -22.69 17.69
CA ILE E 69 12.54 -23.70 17.67
C ILE E 69 13.38 -23.61 16.39
N GLY E 70 14.70 -23.71 16.52
CA GLY E 70 15.60 -23.56 15.37
C GLY E 70 17.03 -24.02 15.61
N ARG E 71 17.70 -24.36 14.50
CA ARG E 71 19.03 -24.95 14.56
C ARG E 71 20.16 -23.92 14.49
N TYR E 72 21.38 -24.39 14.69
CA TYR E 72 22.64 -23.60 14.63
C TYR E 72 22.73 -22.48 15.69
N THR E 73 23.47 -21.43 15.40
CA THR E 73 23.73 -20.40 16.41
C THR E 73 22.50 -19.54 16.69
N LYS E 74 22.57 -18.77 17.77
CA LYS E 74 21.48 -17.90 18.22
C LYS E 74 21.04 -16.94 17.14
N GLU E 75 21.98 -16.15 16.61
CA GLU E 75 21.67 -15.08 15.67
C GLU E 75 21.03 -15.73 14.47
N GLN E 76 21.62 -16.84 14.04
CA GLN E 76 21.12 -17.61 12.93
C GLN E 76 19.69 -18.13 13.15
N ALA E 77 19.43 -18.73 14.31
CA ALA E 77 18.12 -19.30 14.59
C ALA E 77 17.03 -18.23 14.68
N PHE E 78 17.40 -17.11 15.31
CA PHE E 78 16.51 -15.98 15.52
C PHE E 78 16.13 -15.36 14.17
N ALA E 79 17.15 -15.12 13.34
CA ALA E 79 17.00 -14.58 11.99
C ALA E 79 15.92 -15.32 11.20
N GLU E 80 15.99 -16.64 11.21
CA GLU E 80 14.98 -17.49 10.56
C GLU E 80 13.56 -17.18 11.00
N TRP E 81 13.38 -16.88 12.28
CA TRP E 81 12.07 -16.58 12.83
C TRP E 81 11.64 -15.18 12.41
N THR E 82 12.56 -14.22 12.48
CA THR E 82 12.25 -12.84 12.10
C THR E 82 12.01 -12.68 10.60
N ALA E 83 12.61 -13.57 9.82
CA ALA E 83 12.44 -13.61 8.38
C ALA E 83 11.03 -13.97 7.94
N THR E 84 10.25 -14.64 8.79
CA THR E 84 8.88 -14.98 8.38
C THR E 84 7.95 -13.76 8.46
N SER E 85 8.48 -12.61 8.89
CA SER E 85 7.69 -11.34 8.98
C SER E 85 6.93 -11.01 7.69
N GLY E 86 7.63 -11.18 6.58
CA GLY E 86 7.13 -10.97 5.23
C GLY E 86 5.67 -11.31 4.95
N SER E 87 5.19 -12.42 5.51
CA SER E 87 3.83 -12.86 5.16
C SER E 87 2.86 -12.61 6.26
N PHE E 88 3.24 -11.74 7.19
CA PHE E 88 2.36 -11.43 8.28
C PHE E 88 1.10 -10.88 7.69
N PRO E 89 -0.07 -11.33 8.10
CA PRO E 89 -0.40 -11.98 9.34
C PRO E 89 -0.92 -13.40 9.16
N ASP E 90 -0.51 -14.11 8.11
CA ASP E 90 -1.00 -15.48 7.96
C ASP E 90 -0.26 -16.42 8.91
N ASP E 91 -0.72 -17.66 9.00
CA ASP E 91 -0.14 -18.70 9.86
C ASP E 91 1.35 -18.94 9.72
N ARG E 92 1.87 -18.78 8.50
CA ARG E 92 3.30 -18.96 8.26
C ARG E 92 4.21 -17.93 8.97
N SER E 93 3.66 -16.79 9.36
CA SER E 93 4.43 -15.75 10.04
C SER E 93 4.46 -15.92 11.56
N ILE E 94 3.78 -16.95 12.04
CA ILE E 94 3.70 -17.14 13.48
C ILE E 94 5.00 -17.10 14.27
N PRO E 95 6.12 -17.61 13.73
CA PRO E 95 7.40 -17.41 14.41
C PRO E 95 7.67 -15.95 14.75
N TRP E 96 7.46 -15.07 13.78
CA TRP E 96 7.73 -13.65 13.99
C TRP E 96 6.76 -13.02 14.98
N GLN E 97 5.50 -13.40 14.90
CA GLN E 97 4.48 -12.81 15.77
C GLN E 97 4.80 -13.03 17.23
N ARG E 98 5.24 -14.24 17.58
CA ARG E 98 5.48 -14.62 18.97
C ARG E 98 6.47 -13.65 19.58
N ILE E 99 7.47 -13.27 18.77
CA ILE E 99 8.48 -12.32 19.19
C ILE E 99 7.91 -10.93 19.36
N VAL E 100 6.96 -10.60 18.51
CA VAL E 100 6.53 -9.22 18.35
C VAL E 100 5.12 -8.89 18.89
N ALA E 101 4.41 -9.84 19.45
CA ALA E 101 3.04 -9.56 19.90
C ALA E 101 3.05 -8.58 21.05
N ASN E 102 2.19 -7.57 20.99
CA ASN E 102 2.13 -6.61 22.08
C ASN E 102 1.80 -7.28 23.39
N SER E 103 1.05 -8.37 23.29
CA SER E 103 0.60 -9.13 24.45
C SER E 103 1.74 -9.84 25.21
N ALA E 104 2.71 -10.33 24.44
CA ALA E 104 3.84 -11.06 25.00
C ALA E 104 4.59 -10.23 26.06
N GLN E 105 4.86 -10.82 27.23
CA GLN E 105 5.53 -10.11 28.32
C GLN E 105 6.87 -10.75 28.69
N LYS E 106 6.93 -12.08 28.54
CA LYS E 106 8.08 -12.85 29.06
C LYS E 106 8.62 -13.92 28.12
N VAL E 107 9.94 -14.06 28.13
CA VAL E 107 10.63 -15.05 27.29
C VAL E 107 11.67 -15.85 28.06
N GLY E 108 11.80 -17.14 27.73
CA GLY E 108 12.90 -17.92 28.26
C GLY E 108 13.43 -18.84 27.20
N CYS E 109 14.76 -18.88 27.06
CA CYS E 109 15.40 -19.69 26.01
C CYS E 109 16.30 -20.85 26.52
N GLY E 110 16.33 -21.92 25.74
CA GLY E 110 17.13 -23.08 26.07
C GLY E 110 17.89 -23.61 24.89
N GLU E 111 18.79 -24.56 25.15
CA GLU E 111 19.77 -24.98 24.17
C GLU E 111 20.21 -26.43 24.43
N ALA E 112 20.55 -27.12 23.36
CA ALA E 112 20.93 -28.52 23.43
C ALA E 112 21.88 -28.81 22.30
N THR E 113 22.72 -29.84 22.47
CA THR E 113 23.64 -30.23 21.42
C THR E 113 23.24 -31.60 20.92
N CYS E 114 23.03 -31.72 19.61
CA CYS E 114 22.73 -33.00 18.99
C CYS E 114 23.81 -33.33 17.96
N VAL E 115 23.86 -34.59 17.55
CA VAL E 115 24.85 -35.02 16.57
C VAL E 115 24.26 -35.83 15.43
N LEU E 116 24.44 -35.34 14.22
CA LEU E 116 24.17 -36.14 13.04
C LEU E 116 25.24 -37.20 13.12
N GLU E 117 24.81 -38.46 13.05
CA GLU E 117 25.67 -39.63 13.32
C GLU E 117 26.95 -39.58 12.49
N GLY E 118 26.77 -39.41 11.18
CA GLY E 118 27.88 -39.32 10.24
C GLY E 118 28.77 -38.12 10.52
N ASP E 119 28.14 -36.98 10.80
CA ASP E 119 28.89 -35.72 10.86
C ASP E 119 29.18 -35.22 12.28
N MET E 120 29.23 -33.89 12.41
CA MET E 120 29.57 -33.23 13.65
C MET E 120 28.33 -32.66 14.39
N ALA E 121 28.56 -32.20 15.61
CA ALA E 121 27.53 -31.63 16.47
C ALA E 121 26.91 -30.34 15.93
N TYR E 122 25.62 -30.17 16.17
CA TYR E 122 24.95 -28.88 15.96
C TYR E 122 24.05 -28.54 17.12
N THR E 123 23.70 -27.26 17.26
CA THR E 123 22.87 -26.78 18.35
C THR E 123 21.37 -26.73 18.01
N VAL E 124 20.51 -27.08 18.98
CA VAL E 124 19.09 -26.75 18.88
C VAL E 124 18.70 -25.66 19.88
N ASN E 125 17.93 -24.68 19.40
CA ASN E 125 17.51 -23.54 20.23
C ASN E 125 16.03 -23.54 20.36
N VAL E 126 15.57 -23.26 21.58
CA VAL E 126 14.15 -23.06 21.83
C VAL E 126 13.93 -21.84 22.70
N CYS E 127 12.95 -21.02 22.31
CA CYS E 127 12.48 -19.93 23.16
C CYS E 127 11.00 -20.06 23.43
N TYR E 128 10.64 -19.89 24.69
CA TYR E 128 9.26 -19.97 25.12
C TYR E 128 8.74 -18.57 25.42
N TYR E 129 7.47 -18.34 25.14
CA TYR E 129 6.93 -16.99 25.34
C TYR E 129 5.70 -17.01 26.23
N ASP E 130 5.59 -16.00 27.10
CA ASP E 130 4.38 -15.81 27.88
C ASP E 130 3.88 -14.37 27.82
N PRO E 131 2.56 -14.16 27.68
CA PRO E 131 1.52 -15.19 27.60
C PRO E 131 1.50 -15.75 26.21
N PRO E 132 0.85 -16.92 25.98
CA PRO E 132 0.85 -17.48 24.63
C PRO E 132 0.07 -16.62 23.64
N LEU E 133 0.45 -16.73 22.38
CA LEU E 133 -0.21 -16.05 21.28
C LEU E 133 -1.68 -16.42 21.18
N SER E 134 -2.50 -15.43 20.87
CA SER E 134 -3.95 -15.60 20.78
C SER E 134 -4.42 -15.24 19.36
N ASP E 135 -5.62 -14.67 19.22
CA ASP E 135 -6.15 -14.16 17.94
C ASP E 135 -5.47 -12.86 17.51
N TYR E 136 -5.65 -12.54 16.22
CA TYR E 136 -5.12 -11.31 15.57
C TYR E 136 -5.24 -10.02 16.39
N TYR E 137 -6.45 -9.71 16.86
CA TYR E 137 -6.64 -8.47 17.58
C TYR E 137 -6.00 -8.50 18.93
N THR E 138 -6.10 -9.65 19.59
CA THR E 138 -5.60 -9.77 20.93
C THR E 138 -4.11 -9.55 21.05
N ASN E 139 -3.36 -10.03 20.06
CA ASN E 139 -1.92 -9.92 20.11
C ASN E 139 -1.43 -8.49 20.17
N ALA E 140 -2.11 -7.59 19.48
CA ALA E 140 -1.73 -6.19 19.52
C ALA E 140 -2.59 -5.41 20.53
N GLY E 141 -3.51 -6.11 21.20
CA GLY E 141 -4.58 -5.48 21.98
C GLY E 141 -4.24 -4.31 22.87
N LEU F 5 -3.34 -39.82 69.50
CA LEU F 5 -3.64 -38.48 70.08
C LEU F 5 -2.90 -37.37 69.34
N GLU F 6 -3.36 -36.13 69.51
CA GLU F 6 -2.67 -35.00 68.88
C GLU F 6 -1.23 -34.91 69.41
N ALA F 7 -0.27 -35.39 68.62
CA ALA F 7 1.09 -35.62 69.11
C ALA F 7 2.15 -35.38 68.05
N ARG F 8 3.31 -34.92 68.50
CA ARG F 8 4.43 -34.55 67.65
C ARG F 8 5.62 -35.40 68.11
N GLN F 9 6.18 -36.18 67.19
CA GLN F 9 7.31 -37.08 67.48
C GLN F 9 8.08 -37.37 66.21
N PHE F 10 9.41 -37.48 66.30
CA PHE F 10 10.21 -37.87 65.13
C PHE F 10 9.86 -39.27 64.67
N ASP F 11 9.56 -39.39 63.39
CA ASP F 11 9.15 -40.66 62.81
C ASP F 11 9.79 -40.80 61.44
N PRO F 12 10.80 -41.68 61.34
CA PRO F 12 11.58 -41.90 60.14
C PRO F 12 10.77 -42.11 58.88
N ASP F 13 9.68 -42.86 58.97
CA ASP F 13 8.89 -43.20 57.79
C ASP F 13 8.17 -41.96 57.30
N SER F 14 7.46 -41.29 58.19
CA SER F 14 6.72 -40.09 57.80
C SER F 14 7.70 -38.97 57.40
N PHE F 15 8.87 -38.94 58.05
CA PHE F 15 9.93 -37.98 57.73
C PHE F 15 10.41 -38.14 56.31
N LYS F 16 10.84 -39.35 55.94
CA LYS F 16 11.29 -39.52 54.58
C LYS F 16 10.15 -39.36 53.57
N ASN F 17 8.93 -39.78 53.92
CA ASN F 17 7.82 -39.61 52.98
C ASN F 17 7.56 -38.14 52.67
N LYS F 18 7.61 -37.32 53.71
CA LYS F 18 7.38 -35.91 53.52
C LYS F 18 8.45 -35.27 52.63
N TRP F 19 9.72 -35.55 52.86
CA TRP F 19 10.73 -35.06 51.94
C TRP F 19 10.58 -35.53 50.50
N LEU F 20 10.16 -36.79 50.31
CA LEU F 20 10.01 -37.32 48.96
C LEU F 20 8.83 -36.71 48.26
N GLU F 21 7.72 -36.54 49.00
CA GLU F 21 6.54 -35.87 48.47
C GLU F 21 6.91 -34.47 47.96
N LEU F 22 7.57 -33.68 48.80
CA LEU F 22 7.98 -32.33 48.38
C LEU F 22 8.82 -32.37 47.10
N HIS F 23 9.84 -33.23 47.07
CA HIS F 23 10.66 -33.33 45.88
C HIS F 23 9.90 -33.87 44.69
N ASN F 24 9.18 -34.98 44.86
CA ASN F 24 8.54 -35.60 43.73
C ASN F 24 7.30 -34.87 43.20
N ASN F 25 6.54 -34.18 44.05
CA ASN F 25 5.48 -33.30 43.53
C ASN F 25 6.00 -32.26 42.57
N GLU F 26 7.09 -31.59 42.93
CA GLU F 26 7.77 -30.66 42.04
C GLU F 26 8.17 -31.32 40.73
N ARG F 27 8.72 -32.53 40.81
CA ARG F 27 9.17 -33.24 39.61
C ARG F 27 8.07 -33.83 38.72
N THR F 28 7.03 -34.37 39.34
CA THR F 28 5.94 -35.01 38.61
C THR F 28 5.28 -34.05 37.65
N THR F 29 5.02 -32.83 38.14
CA THR F 29 4.47 -31.73 37.36
C THR F 29 5.24 -31.46 36.08
N ARG F 30 6.57 -31.51 36.19
CA ARG F 30 7.47 -31.16 35.11
C ARG F 30 7.85 -32.39 34.31
N GLN F 31 7.01 -33.43 34.42
CA GLN F 31 7.19 -34.71 33.73
C GLN F 31 8.56 -35.36 33.93
N LEU F 32 9.12 -35.24 35.13
CA LEU F 32 10.41 -35.84 35.43
C LEU F 32 10.21 -37.09 36.28
N ASP F 33 11.21 -37.98 36.24
CA ASP F 33 11.20 -39.22 37.02
C ASP F 33 11.30 -38.93 38.50
N SER F 34 10.59 -39.72 39.31
CA SER F 34 10.66 -39.60 40.77
C SER F 34 12.06 -39.84 41.32
N LEU F 35 12.39 -39.14 42.40
CA LEU F 35 13.62 -39.42 43.14
C LEU F 35 13.41 -40.55 44.13
N GLU F 36 14.49 -41.28 44.43
CA GLU F 36 14.43 -42.28 45.48
C GLU F 36 15.27 -41.89 46.68
N TRP F 37 14.89 -42.40 47.84
CA TRP F 37 15.64 -42.13 49.08
C TRP F 37 16.96 -42.89 49.15
N ASP F 38 17.96 -42.24 49.74
CA ASP F 38 19.24 -42.87 50.02
C ASP F 38 19.72 -42.47 51.39
N GLY F 39 19.92 -43.49 52.23
CA GLY F 39 20.27 -43.30 53.62
C GLY F 39 21.63 -42.66 53.83
N ASP F 40 22.61 -43.05 53.00
CA ASP F 40 23.97 -42.59 53.24
C ASP F 40 23.99 -41.09 53.06
N LEU F 41 23.24 -40.63 52.05
CA LEU F 41 22.99 -39.21 51.80
C LEU F 41 22.29 -38.53 52.97
N ALA F 42 21.15 -39.08 53.40
CA ALA F 42 20.42 -38.60 54.57
C ALA F 42 21.32 -38.49 55.82
N TRP F 43 22.24 -39.43 55.95
CA TRP F 43 23.16 -39.42 57.06
C TRP F 43 24.12 -38.25 56.89
N LYS F 44 24.74 -38.15 55.71
CA LYS F 44 25.62 -37.04 55.34
C LYS F 44 24.94 -35.69 55.60
N ALA F 45 23.66 -35.62 55.24
CA ALA F 45 22.88 -34.40 55.40
C ALA F 45 22.81 -34.02 56.85
N GLN F 46 22.54 -35.00 57.70
CA GLN F 46 22.41 -34.73 59.13
C GLN F 46 23.71 -34.29 59.73
N GLN F 47 24.81 -34.83 59.22
CA GLN F 47 26.08 -34.48 59.75
C GLN F 47 26.36 -33.00 59.52
N VAL F 48 26.00 -32.50 58.35
CA VAL F 48 26.08 -31.05 58.03
C VAL F 48 25.09 -30.19 58.85
N ALA F 49 23.85 -30.64 58.94
CA ALA F 49 22.83 -29.95 59.74
C ALA F 49 23.24 -29.70 61.19
N THR F 50 23.93 -30.65 61.81
CA THR F 50 24.29 -30.59 63.23
C THR F 50 25.32 -29.52 63.55
N GLN F 51 26.17 -29.22 62.58
CA GLN F 51 27.17 -28.16 62.72
C GLN F 51 26.57 -26.78 63.01
N CYS F 52 25.25 -26.66 62.83
CA CYS F 52 24.46 -25.44 63.08
C CYS F 52 24.96 -24.21 62.32
N ASN F 53 25.27 -24.41 61.04
CA ASN F 53 25.97 -23.41 60.25
C ASN F 53 25.53 -23.43 58.78
N VAL F 54 24.62 -22.52 58.41
CA VAL F 54 24.13 -22.45 57.02
C VAL F 54 25.12 -21.81 56.05
N ASP F 55 25.86 -20.81 56.53
CA ASP F 55 26.72 -20.01 55.66
C ASP F 55 28.03 -20.69 55.31
N ASN F 56 28.65 -21.34 56.28
CA ASN F 56 29.98 -21.88 56.09
C ASN F 56 30.21 -23.27 56.74
N PRO F 57 29.47 -24.31 56.31
CA PRO F 57 29.66 -25.60 56.99
C PRO F 57 30.90 -26.33 56.48
N GLN F 58 31.37 -27.29 57.29
CA GLN F 58 32.52 -28.15 56.98
C GLN F 58 32.03 -29.32 56.12
N LEU F 59 32.64 -29.46 54.95
CA LEU F 59 32.24 -30.51 54.01
C LEU F 59 33.33 -31.54 53.75
N TRP F 60 32.91 -32.72 53.31
CA TRP F 60 33.83 -33.80 53.00
C TRP F 60 33.26 -34.61 51.83
N GLY F 61 34.14 -35.28 51.10
CA GLY F 61 33.75 -36.19 50.01
C GLY F 61 33.79 -35.49 48.67
N ASP F 62 33.66 -36.28 47.59
CA ASP F 62 33.67 -35.75 46.23
C ASP F 62 32.42 -34.92 45.96
N ASN F 63 31.27 -35.50 46.31
CA ASN F 63 29.94 -34.86 46.20
C ASN F 63 29.61 -34.01 47.44
N GLY F 64 30.64 -33.41 48.04
CA GLY F 64 30.47 -32.70 49.30
C GLY F 64 29.54 -31.51 49.21
N ALA F 65 29.60 -30.80 48.07
CA ALA F 65 28.86 -29.55 47.89
C ALA F 65 27.46 -29.77 47.31
N SER F 66 27.18 -31.01 46.93
CA SER F 66 25.92 -31.37 46.28
C SER F 66 24.69 -31.38 47.22
N PHE F 67 24.34 -30.22 47.77
CA PHE F 67 23.25 -30.15 48.73
C PHE F 67 22.52 -28.82 48.81
N ASN F 68 21.31 -28.87 49.37
CA ASN F 68 20.50 -27.69 49.69
C ASN F 68 20.40 -27.56 51.19
N ILE F 69 20.26 -26.33 51.66
CA ILE F 69 20.26 -26.06 53.10
C ILE F 69 19.33 -24.91 53.35
N GLY F 70 18.57 -24.99 54.44
CA GLY F 70 17.67 -23.90 54.82
C GLY F 70 16.99 -24.11 56.16
N ARG F 71 16.52 -23.01 56.74
CA ARG F 71 15.92 -23.15 58.07
C ARG F 71 14.40 -23.28 58.14
N TYR F 72 13.88 -23.41 59.36
CA TYR F 72 12.44 -23.58 59.66
C TYR F 72 11.88 -24.94 59.17
N THR F 73 10.56 -25.01 58.94
CA THR F 73 9.88 -26.25 58.53
C THR F 73 10.34 -26.74 57.17
N LYS F 74 10.10 -28.04 56.95
CA LYS F 74 10.43 -28.69 55.69
C LYS F 74 9.82 -27.90 54.53
N GLU F 75 8.52 -27.58 54.64
CA GLU F 75 7.82 -26.89 53.56
C GLU F 75 8.45 -25.53 53.34
N GLN F 76 8.73 -24.80 54.41
CA GLN F 76 9.33 -23.48 54.29
C GLN F 76 10.67 -23.51 53.62
N ALA F 77 11.53 -24.44 54.04
CA ALA F 77 12.86 -24.53 53.50
C ALA F 77 12.80 -24.90 52.02
N PHE F 78 11.92 -25.84 51.69
CA PHE F 78 11.79 -26.32 50.33
C PHE F 78 11.25 -25.20 49.41
N ALA F 79 10.22 -24.50 49.89
CA ALA F 79 9.64 -23.36 49.18
C ALA F 79 10.70 -22.33 48.80
N GLU F 80 11.54 -21.98 49.76
CA GLU F 80 12.66 -21.07 49.55
C GLU F 80 13.62 -21.57 48.42
N TRP F 81 13.85 -22.88 48.32
CA TRP F 81 14.65 -23.42 47.21
C TRP F 81 13.96 -23.32 45.84
N THR F 82 12.67 -23.60 45.79
CA THR F 82 11.93 -23.60 44.54
C THR F 82 11.64 -22.18 44.07
N ALA F 83 11.55 -21.28 45.04
CA ALA F 83 11.42 -19.86 44.75
C ALA F 83 12.59 -19.28 43.94
N THR F 84 13.68 -20.03 43.80
CA THR F 84 14.81 -19.54 43.00
C THR F 84 14.72 -19.83 41.50
N SER F 85 13.65 -20.51 41.07
CA SER F 85 13.55 -21.03 39.69
C SER F 85 13.55 -19.91 38.68
N GLY F 86 12.86 -18.82 39.01
CA GLY F 86 12.77 -17.63 38.18
C GLY F 86 14.01 -17.17 37.44
N SER F 87 15.19 -17.33 38.04
CA SER F 87 16.41 -16.85 37.38
C SER F 87 17.22 -17.93 36.62
N PHE F 88 16.62 -19.11 36.45
CA PHE F 88 17.24 -20.21 35.74
C PHE F 88 17.58 -19.71 34.37
N PRO F 89 18.81 -19.89 33.88
CA PRO F 89 19.81 -20.84 34.33
C PRO F 89 21.01 -20.19 34.99
N ASP F 90 20.83 -19.03 35.59
CA ASP F 90 21.95 -18.44 36.33
C ASP F 90 22.17 -19.12 37.69
N ASP F 91 23.32 -18.85 38.29
CA ASP F 91 23.74 -19.50 39.53
C ASP F 91 22.79 -19.37 40.73
N ARG F 92 22.06 -18.26 40.81
CA ARG F 92 21.10 -18.06 41.90
C ARG F 92 19.98 -19.09 41.89
N SER F 93 19.78 -19.76 40.76
CA SER F 93 18.76 -20.80 40.65
C SER F 93 19.24 -22.23 40.97
N ILE F 94 20.51 -22.37 41.37
CA ILE F 94 21.10 -23.66 41.71
C ILE F 94 20.27 -24.49 42.72
N PRO F 95 19.78 -23.88 43.81
CA PRO F 95 18.89 -24.64 44.69
C PRO F 95 17.78 -25.35 43.97
N TRP F 96 17.16 -24.65 43.04
CA TRP F 96 16.09 -25.24 42.28
C TRP F 96 16.62 -26.31 41.33
N GLN F 97 17.81 -26.08 40.78
CA GLN F 97 18.32 -26.98 39.77
C GLN F 97 18.53 -28.37 40.31
N ARG F 98 19.02 -28.45 41.55
CA ARG F 98 19.32 -29.73 42.20
C ARG F 98 18.09 -30.58 42.25
N ILE F 99 16.96 -29.96 42.59
CA ILE F 99 15.68 -30.61 42.75
C ILE F 99 15.14 -31.17 41.45
N VAL F 100 15.29 -30.42 40.37
CA VAL F 100 14.66 -30.75 39.11
C VAL F 100 15.62 -31.23 38.04
N ALA F 101 16.89 -31.42 38.41
CA ALA F 101 17.88 -31.86 37.42
C ALA F 101 17.46 -33.22 36.92
N ASN F 102 17.48 -33.35 35.60
CA ASN F 102 17.04 -34.58 34.98
C ASN F 102 18.01 -35.71 35.36
N SER F 103 19.27 -35.37 35.57
CA SER F 103 20.30 -36.33 35.92
C SER F 103 20.14 -36.89 37.32
N ALA F 104 19.63 -36.07 38.25
CA ALA F 104 19.47 -36.47 39.66
C ALA F 104 18.61 -37.73 39.83
N GLN F 105 19.05 -38.63 40.72
CA GLN F 105 18.37 -39.91 40.96
C GLN F 105 17.99 -40.19 42.41
N LYS F 106 18.79 -39.69 43.33
CA LYS F 106 18.60 -40.00 44.74
C LYS F 106 18.71 -38.79 45.65
N VAL F 107 17.94 -38.81 46.74
CA VAL F 107 17.92 -37.69 47.69
C VAL F 107 17.93 -38.19 49.10
N GLY F 108 18.59 -37.45 49.98
CA GLY F 108 18.58 -37.74 51.40
C GLY F 108 18.67 -36.50 52.24
N CYS F 109 17.76 -36.41 53.19
CA CYS F 109 17.64 -35.22 54.00
C CYS F 109 17.86 -35.48 55.48
N GLY F 110 18.35 -34.46 56.19
CA GLY F 110 18.45 -34.49 57.64
C GLY F 110 18.11 -33.16 58.29
N GLU F 111 17.93 -33.20 59.61
CA GLU F 111 17.71 -31.99 60.36
C GLU F 111 18.47 -31.91 61.68
N ALA F 112 18.53 -30.68 62.20
CA ALA F 112 19.06 -30.41 63.52
C ALA F 112 18.28 -29.27 64.14
N THR F 113 18.36 -29.19 65.46
CA THR F 113 17.77 -28.10 66.23
C THR F 113 18.92 -27.24 66.72
N CYS F 114 18.87 -25.96 66.38
CA CYS F 114 19.91 -25.03 66.75
C CYS F 114 19.35 -24.01 67.69
N VAL F 115 20.11 -23.74 68.75
CA VAL F 115 19.76 -22.76 69.76
C VAL F 115 20.68 -21.57 69.63
N LEU F 116 20.07 -20.39 69.54
CA LEU F 116 20.77 -19.14 69.46
C LEU F 116 21.04 -18.52 70.83
N GLU F 117 21.54 -17.28 70.79
CA GLU F 117 21.99 -16.54 71.96
C GLU F 117 21.04 -16.58 73.15
N GLY F 118 19.77 -16.22 72.94
CA GLY F 118 18.86 -16.00 74.06
C GLY F 118 17.70 -16.96 74.21
N ASP F 119 18.00 -18.23 74.47
CA ASP F 119 17.01 -19.31 74.54
C ASP F 119 16.05 -19.30 73.31
N MET F 120 16.63 -19.17 72.11
CA MET F 120 15.88 -18.99 70.85
C MET F 120 16.25 -20.09 69.86
N ALA F 121 15.23 -20.79 69.35
CA ALA F 121 15.47 -22.03 68.62
C ALA F 121 14.86 -22.11 67.23
N TYR F 122 15.62 -22.72 66.31
CA TYR F 122 15.15 -23.01 64.97
C TYR F 122 15.76 -24.33 64.46
N THR F 123 15.14 -24.85 63.40
CA THR F 123 15.58 -26.07 62.72
C THR F 123 16.42 -25.77 61.48
N VAL F 124 17.51 -26.49 61.30
CA VAL F 124 18.26 -26.46 60.03
C VAL F 124 17.92 -27.71 59.22
N ASN F 125 17.57 -27.55 57.95
CA ASN F 125 17.30 -28.69 57.07
C ASN F 125 18.36 -28.80 56.01
N VAL F 126 18.84 -30.01 55.75
CA VAL F 126 19.79 -30.21 54.66
C VAL F 126 19.30 -31.37 53.80
N CYS F 127 19.39 -31.25 52.48
CA CYS F 127 19.12 -32.37 51.60
C CYS F 127 20.30 -32.59 50.68
N TYR F 128 20.69 -33.85 50.49
CA TYR F 128 21.77 -34.22 49.57
C TYR F 128 21.23 -34.90 48.34
N TYR F 129 21.92 -34.68 47.21
CA TYR F 129 21.45 -35.17 45.91
C TYR F 129 22.52 -36.03 45.24
N ASP F 130 22.07 -37.11 44.63
CA ASP F 130 22.96 -37.91 43.79
C ASP F 130 22.31 -38.31 42.47
N PRO F 131 23.05 -38.25 41.35
CA PRO F 131 24.43 -37.73 41.23
C PRO F 131 24.46 -36.22 41.38
N PRO F 132 25.62 -35.63 41.67
CA PRO F 132 25.58 -34.17 41.87
C PRO F 132 25.38 -33.37 40.57
N LEU F 133 24.94 -32.11 40.71
CA LEU F 133 24.85 -31.19 39.56
C LEU F 133 26.18 -31.03 38.88
N SER F 134 26.14 -30.98 37.55
CA SER F 134 27.33 -30.81 36.75
C SER F 134 27.17 -29.54 35.90
N ASP F 135 27.54 -29.63 34.63
CA ASP F 135 27.35 -28.53 33.70
C ASP F 135 25.89 -28.52 33.22
N TYR F 136 25.48 -27.39 32.63
CA TYR F 136 24.13 -27.19 32.11
C TYR F 136 23.62 -28.32 31.23
N TYR F 137 24.43 -28.78 30.28
CA TYR F 137 23.95 -29.79 29.35
C TYR F 137 23.74 -31.13 30.04
N THR F 138 24.64 -31.46 30.96
CA THR F 138 24.60 -32.73 31.66
C THR F 138 23.31 -32.87 32.47
N ASN F 139 22.89 -31.80 33.11
CA ASN F 139 21.74 -31.89 34.01
C ASN F 139 20.45 -32.30 33.34
N ALA F 140 20.29 -32.05 32.04
CA ALA F 140 19.15 -32.62 31.33
C ALA F 140 19.56 -33.84 30.51
N GLY F 141 18.58 -34.65 30.09
CA GLY F 141 18.81 -35.83 29.27
C GLY F 141 18.16 -35.70 27.91
N PHE G 10 42.35 -69.49 68.63
CA PHE G 10 42.04 -68.09 69.07
C PHE G 10 43.27 -67.25 69.45
N ASP G 11 43.39 -66.10 68.81
CA ASP G 11 44.45 -65.17 69.12
C ASP G 11 43.85 -63.82 69.47
N PRO G 12 43.92 -63.43 70.75
CA PRO G 12 43.29 -62.18 71.22
C PRO G 12 43.84 -60.90 70.57
N ASP G 13 45.16 -60.75 70.46
CA ASP G 13 45.69 -59.50 69.94
C ASP G 13 45.23 -59.15 68.51
N SER G 14 45.21 -60.12 67.59
CA SER G 14 44.74 -59.89 66.22
C SER G 14 43.23 -59.70 66.18
N PHE G 15 42.50 -60.56 66.88
CA PHE G 15 41.05 -60.47 67.10
C PHE G 15 40.58 -59.04 67.38
N LYS G 16 41.19 -58.41 68.39
CA LYS G 16 40.97 -56.99 68.68
C LYS G 16 41.28 -56.08 67.49
N ASN G 17 42.44 -56.26 66.86
CA ASN G 17 42.84 -55.44 65.70
C ASN G 17 41.85 -55.53 64.59
N LYS G 18 41.44 -56.75 64.28
CA LYS G 18 40.54 -57.00 63.16
C LYS G 18 39.22 -56.29 63.38
N TRP G 19 38.67 -56.42 64.59
CA TRP G 19 37.39 -55.79 64.91
C TRP G 19 37.47 -54.28 64.94
N LEU G 20 38.51 -53.77 65.60
CA LEU G 20 38.76 -52.32 65.56
C LEU G 20 38.98 -51.80 64.13
N GLU G 21 39.64 -52.59 63.29
CA GLU G 21 39.90 -52.13 61.95
C GLU G 21 38.60 -52.00 61.18
N LEU G 22 37.77 -53.06 61.18
CA LEU G 22 36.46 -53.00 60.53
C LEU G 22 35.66 -51.74 60.93
N HIS G 23 35.52 -51.52 62.24
CA HIS G 23 34.75 -50.40 62.75
C HIS G 23 35.39 -49.08 62.38
N ASN G 24 36.67 -48.92 62.68
CA ASN G 24 37.31 -47.66 62.43
C ASN G 24 37.52 -47.28 60.96
N ASN G 25 37.66 -48.26 60.07
CA ASN G 25 37.66 -47.96 58.63
C ASN G 25 36.39 -47.26 58.19
N GLU G 26 35.25 -47.83 58.62
CA GLU G 26 33.96 -47.25 58.32
C GLU G 26 33.84 -45.83 58.88
N ARG G 27 34.34 -45.61 60.08
CA ARG G 27 34.23 -44.29 60.67
C ARG G 27 35.20 -43.25 60.14
N THR G 28 36.41 -43.67 59.76
CA THR G 28 37.44 -42.72 59.33
C THR G 28 37.00 -42.05 58.02
N THR G 29 36.53 -42.89 57.09
CA THR G 29 35.92 -42.48 55.82
C THR G 29 34.91 -41.35 56.01
N ARG G 30 34.13 -41.44 57.09
CA ARG G 30 33.05 -40.51 57.35
C ARG G 30 33.43 -39.44 58.37
N GLN G 31 34.74 -39.27 58.60
CA GLN G 31 35.26 -38.18 59.44
C GLN G 31 34.76 -38.27 60.88
N LEU G 32 34.65 -39.49 61.40
CA LEU G 32 34.30 -39.69 62.80
C LEU G 32 35.54 -40.05 63.55
N ASP G 33 35.53 -39.76 64.85
CA ASP G 33 36.58 -40.22 65.79
C ASP G 33 36.63 -41.76 65.87
N SER G 34 37.83 -42.33 66.02
CA SER G 34 37.97 -43.78 66.17
C SER G 34 37.34 -44.24 67.46
N LEU G 35 36.84 -45.48 67.46
CA LEU G 35 36.39 -46.11 68.70
C LEU G 35 37.58 -46.74 69.42
N GLU G 36 37.54 -46.72 70.75
CA GLU G 36 38.52 -47.45 71.54
C GLU G 36 37.91 -48.75 72.05
N TRP G 37 38.76 -49.76 72.19
CA TRP G 37 38.34 -51.06 72.70
C TRP G 37 38.08 -51.02 74.20
N ASP G 38 37.08 -51.80 74.62
CA ASP G 38 36.75 -51.91 76.03
C ASP G 38 36.45 -53.36 76.41
N GLY G 39 37.33 -53.93 77.24
CA GLY G 39 37.29 -55.33 77.63
C GLY G 39 35.98 -55.78 78.25
N ASP G 40 35.43 -54.91 79.10
CA ASP G 40 34.17 -55.22 79.78
C ASP G 40 33.08 -55.52 78.76
N LEU G 41 33.02 -54.69 77.72
CA LEU G 41 32.06 -54.87 76.65
C LEU G 41 32.35 -56.16 75.90
N ALA G 42 33.63 -56.41 75.63
CA ALA G 42 34.08 -57.62 74.95
C ALA G 42 33.65 -58.87 75.71
N TRP G 43 33.71 -58.77 77.03
CA TRP G 43 33.32 -59.84 77.90
C TRP G 43 31.82 -60.07 77.75
N LYS G 44 31.07 -59.01 77.93
CA LYS G 44 29.62 -59.01 77.81
C LYS G 44 29.21 -59.57 76.45
N ALA G 45 29.98 -59.22 75.42
CA ALA G 45 29.70 -59.65 74.09
C ALA G 45 29.77 -61.15 73.99
N GLN G 46 30.83 -61.72 74.57
CA GLN G 46 31.03 -63.18 74.52
C GLN G 46 29.93 -63.87 75.27
N GLN G 47 29.52 -63.26 76.36
CA GLN G 47 28.48 -63.85 77.16
C GLN G 47 27.21 -64.04 76.32
N VAL G 48 26.94 -63.07 75.44
CA VAL G 48 25.74 -63.11 74.60
C VAL G 48 25.94 -64.09 73.46
N ALA G 49 27.15 -64.10 72.90
CA ALA G 49 27.48 -65.01 71.82
C ALA G 49 27.31 -66.47 72.21
N THR G 50 27.71 -66.83 73.45
CA THR G 50 27.77 -68.23 73.90
C THR G 50 26.41 -68.92 73.94
N GLN G 51 25.36 -68.11 74.07
CA GLN G 51 24.00 -68.61 74.13
C GLN G 51 23.51 -69.25 72.85
N CYS G 52 24.16 -68.93 71.72
CA CYS G 52 23.87 -69.52 70.42
C CYS G 52 22.44 -69.28 69.97
N ASN G 53 21.94 -68.11 70.32
CA ASN G 53 20.63 -67.69 69.88
C ASN G 53 20.81 -66.30 69.32
N VAL G 54 20.70 -66.19 68.00
CA VAL G 54 20.83 -64.88 67.38
C VAL G 54 19.52 -64.09 67.39
N ASP G 55 18.39 -64.78 67.25
CA ASP G 55 17.07 -64.18 67.15
C ASP G 55 16.55 -63.59 68.47
N ASN G 56 16.72 -64.31 69.57
CA ASN G 56 16.22 -63.85 70.85
C ASN G 56 17.04 -64.23 72.09
N PRO G 57 18.21 -63.59 72.28
CA PRO G 57 19.12 -63.91 73.39
C PRO G 57 18.70 -63.34 74.73
N GLN G 58 19.33 -63.83 75.80
CA GLN G 58 19.10 -63.36 77.17
C GLN G 58 20.07 -62.21 77.43
N LEU G 59 19.55 -61.07 77.83
CA LEU G 59 20.38 -59.88 78.04
C LEU G 59 20.22 -59.33 79.43
N TRP G 60 21.31 -58.77 79.95
CA TRP G 60 21.31 -58.19 81.27
C TRP G 60 21.93 -56.78 81.19
N GLY G 61 21.68 -55.95 82.19
CA GLY G 61 22.26 -54.59 82.27
C GLY G 61 21.38 -53.53 81.66
N ASP G 62 21.77 -52.26 81.88
CA ASP G 62 21.10 -51.08 81.31
C ASP G 62 21.25 -51.08 79.80
N ASN G 63 22.50 -51.24 79.38
CA ASN G 63 22.86 -51.24 77.97
C ASN G 63 22.78 -52.63 77.35
N GLY G 64 21.95 -53.51 77.90
CA GLY G 64 21.81 -54.86 77.38
C GLY G 64 21.51 -55.00 75.90
N ALA G 65 20.77 -54.07 75.31
CA ALA G 65 20.34 -54.18 73.91
C ALA G 65 21.30 -53.51 72.91
N SER G 66 22.34 -52.88 73.46
CA SER G 66 23.29 -52.07 72.74
C SER G 66 24.37 -52.86 71.98
N PHE G 67 23.95 -53.67 71.01
CA PHE G 67 24.88 -54.57 70.36
C PHE G 67 24.42 -54.99 68.98
N ASN G 68 25.38 -55.35 68.15
CA ASN G 68 25.08 -56.04 66.91
C ASN G 68 25.43 -57.48 67.04
N ILE G 69 24.74 -58.28 66.24
CA ILE G 69 24.90 -59.72 66.27
C ILE G 69 24.75 -60.28 64.88
N GLY G 70 25.55 -61.27 64.56
CA GLY G 70 25.47 -61.93 63.26
C GLY G 70 26.40 -63.11 63.14
N ARG G 71 26.06 -63.97 62.18
CA ARG G 71 26.76 -65.22 61.97
C ARG G 71 27.98 -65.12 61.03
N TYR G 72 28.69 -66.23 60.93
CA TYR G 72 29.80 -66.47 59.99
C TYR G 72 31.05 -65.62 60.28
N THR G 73 31.91 -65.38 59.30
CA THR G 73 33.15 -64.63 59.56
C THR G 73 32.88 -63.18 59.96
N LYS G 74 33.83 -62.59 60.68
CA LYS G 74 33.77 -61.16 61.05
C LYS G 74 33.36 -60.26 59.87
N GLU G 75 34.07 -60.44 58.75
CA GLU G 75 33.84 -59.64 57.56
C GLU G 75 32.44 -59.84 57.06
N GLN G 76 31.95 -61.08 56.97
CA GLN G 76 30.57 -61.34 56.55
C GLN G 76 29.55 -60.68 57.47
N ALA G 77 29.74 -60.82 58.78
CA ALA G 77 28.76 -60.32 59.72
C ALA G 77 28.74 -58.80 59.74
N PHE G 78 29.94 -58.18 59.71
CA PHE G 78 30.06 -56.73 59.69
C PHE G 78 29.44 -56.12 58.43
N ALA G 79 29.77 -56.70 57.28
CA ALA G 79 29.20 -56.36 55.98
C ALA G 79 27.69 -56.31 56.03
N GLU G 80 27.11 -57.38 56.56
CA GLU G 80 25.68 -57.46 56.74
C GLU G 80 25.11 -56.30 57.58
N TRP G 81 25.87 -55.81 58.57
CA TRP G 81 25.41 -54.69 59.38
C TRP G 81 25.48 -53.34 58.66
N THR G 82 26.58 -53.07 57.97
CA THR G 82 26.75 -51.83 57.20
C THR G 82 25.83 -51.76 55.98
N ALA G 83 25.53 -52.91 55.39
CA ALA G 83 24.59 -52.97 54.27
C ALA G 83 23.19 -52.48 54.63
N THR G 84 22.94 -52.18 55.89
CA THR G 84 21.63 -51.64 56.23
C THR G 84 21.55 -50.11 56.09
N SER G 85 22.67 -49.46 55.79
CA SER G 85 22.76 -47.99 55.74
C SER G 85 21.73 -47.37 54.77
N GLY G 86 21.50 -48.01 53.63
CA GLY G 86 20.52 -47.56 52.62
C GLY G 86 19.19 -47.01 53.11
N SER G 87 18.67 -47.50 54.24
CA SER G 87 17.37 -47.07 54.72
C SER G 87 17.42 -46.12 55.93
N PHE G 88 18.63 -45.62 56.24
CA PHE G 88 18.78 -44.58 57.27
C PHE G 88 17.82 -43.42 56.98
N PRO G 89 17.03 -42.97 57.97
CA PRO G 89 17.20 -43.32 59.38
C PRO G 89 16.06 -44.15 59.92
N ASP G 90 15.57 -45.11 59.16
CA ASP G 90 14.54 -45.97 59.70
C ASP G 90 15.16 -47.08 60.56
N ASP G 91 14.29 -47.82 61.24
CA ASP G 91 14.75 -48.84 62.16
C ASP G 91 15.55 -49.99 61.55
N ARG G 92 15.37 -50.27 60.25
CA ARG G 92 16.15 -51.31 59.58
C ARG G 92 17.67 -51.04 59.58
N SER G 93 18.04 -49.78 59.80
CA SER G 93 19.43 -49.34 59.68
C SER G 93 20.12 -49.22 61.02
N ILE G 94 19.42 -49.58 62.10
CA ILE G 94 20.00 -49.57 63.47
C ILE G 94 21.38 -50.25 63.56
N PRO G 95 21.55 -51.45 62.96
CA PRO G 95 22.88 -52.06 62.92
C PRO G 95 23.97 -51.10 62.46
N TRP G 96 23.73 -50.40 61.35
CA TRP G 96 24.71 -49.45 60.85
C TRP G 96 24.83 -48.25 61.77
N GLN G 97 23.70 -47.85 62.30
CA GLN G 97 23.69 -46.70 63.18
C GLN G 97 24.62 -46.85 64.38
N ARG G 98 24.67 -48.06 64.94
CA ARG G 98 25.46 -48.31 66.13
C ARG G 98 26.92 -48.08 65.87
N ILE G 99 27.37 -48.52 64.69
CA ILE G 99 28.77 -48.46 64.26
C ILE G 99 29.18 -47.03 64.03
N VAL G 100 28.27 -46.30 63.41
CA VAL G 100 28.58 -45.00 62.86
C VAL G 100 28.18 -43.84 63.75
N ALA G 101 27.62 -44.15 64.91
CA ALA G 101 27.04 -43.07 65.72
C ALA G 101 28.08 -42.11 66.21
N ASN G 102 27.86 -40.83 66.01
CA ASN G 102 28.80 -39.83 66.46
C ASN G 102 29.03 -39.90 67.98
N SER G 103 28.01 -40.36 68.68
CA SER G 103 27.98 -40.40 70.13
C SER G 103 28.82 -41.53 70.68
N ALA G 104 28.79 -42.66 69.98
CA ALA G 104 29.57 -43.85 70.32
C ALA G 104 31.06 -43.59 70.54
N GLN G 105 31.60 -44.20 71.57
CA GLN G 105 33.00 -44.01 71.91
C GLN G 105 33.81 -45.28 72.14
N LYS G 106 33.13 -46.35 72.51
CA LYS G 106 33.80 -47.61 72.84
C LYS G 106 33.12 -48.82 72.24
N VAL G 107 33.94 -49.82 71.88
CA VAL G 107 33.42 -51.08 71.33
C VAL G 107 34.15 -52.26 71.97
N GLY G 108 33.50 -53.41 72.02
CA GLY G 108 34.12 -54.65 72.48
C GLY G 108 33.36 -55.79 71.84
N CYS G 109 34.09 -56.73 71.24
CA CYS G 109 33.44 -57.80 70.49
C CYS G 109 33.81 -59.18 71.08
N GLY G 110 32.97 -60.16 70.80
CA GLY G 110 33.14 -61.50 71.36
C GLY G 110 32.55 -62.52 70.42
N GLU G 111 32.91 -63.79 70.63
CA GLU G 111 32.73 -64.82 69.62
C GLU G 111 32.47 -66.14 70.30
N ALA G 112 31.66 -66.98 69.62
CA ALA G 112 31.31 -68.33 70.07
C ALA G 112 30.96 -69.27 68.91
N THR G 113 31.07 -70.58 69.14
CA THR G 113 30.82 -71.57 68.10
C THR G 113 29.63 -72.43 68.42
N CYS G 114 28.69 -72.50 67.48
CA CYS G 114 27.46 -73.23 67.69
C CYS G 114 27.41 -74.30 66.66
N VAL G 115 27.12 -75.51 67.10
CA VAL G 115 27.19 -76.70 66.25
C VAL G 115 25.91 -76.92 65.46
N LEU G 116 26.07 -77.58 64.32
CA LEU G 116 24.96 -77.80 63.42
C LEU G 116 24.85 -79.21 62.89
N GLU G 117 24.26 -80.10 63.68
CA GLU G 117 23.95 -81.47 63.24
C GLU G 117 25.14 -82.21 62.60
N GLY G 118 26.25 -82.29 63.31
CA GLY G 118 27.36 -83.09 62.84
C GLY G 118 28.63 -82.29 62.91
N ASP G 119 29.56 -82.57 61.99
CA ASP G 119 30.81 -81.82 61.91
C ASP G 119 30.53 -80.29 61.77
N MET G 120 29.55 -79.90 60.97
CA MET G 120 29.26 -78.50 60.72
C MET G 120 28.86 -77.67 61.94
N ALA G 121 29.32 -76.42 61.93
CA ALA G 121 29.07 -75.45 62.99
C ALA G 121 29.26 -74.05 62.42
N TYR G 122 28.60 -73.07 63.04
CA TYR G 122 28.74 -71.68 62.62
C TYR G 122 29.12 -70.80 63.80
N THR G 123 29.70 -69.65 63.49
CA THR G 123 30.17 -68.70 64.49
C THR G 123 29.11 -67.68 64.75
N VAL G 124 29.02 -67.24 65.99
CA VAL G 124 28.20 -66.10 66.34
C VAL G 124 29.11 -64.99 66.84
N ASN G 125 28.98 -63.83 66.20
CA ASN G 125 29.73 -62.60 66.52
C ASN G 125 28.82 -61.59 67.19
N VAL G 126 29.34 -60.93 68.23
CA VAL G 126 28.61 -59.90 68.94
C VAL G 126 29.56 -58.75 69.22
N CYS G 127 29.09 -57.53 68.93
CA CYS G 127 29.83 -56.35 69.29
C CYS G 127 28.96 -55.46 70.12
N TYR G 128 29.54 -54.94 71.20
CA TYR G 128 28.82 -54.07 72.11
C TYR G 128 29.35 -52.66 71.96
N TYR G 129 28.46 -51.69 72.06
CA TYR G 129 28.86 -50.29 71.92
C TYR G 129 28.53 -49.44 73.12
N ASP G 130 29.43 -48.53 73.47
CA ASP G 130 29.17 -47.60 74.54
C ASP G 130 29.57 -46.20 74.13
N PRO G 131 28.75 -45.16 74.39
CA PRO G 131 27.46 -45.20 75.10
C PRO G 131 26.42 -45.76 74.17
N PRO G 132 25.29 -46.28 74.68
CA PRO G 132 24.33 -46.90 73.76
C PRO G 132 23.63 -45.90 72.83
N LEU G 133 23.16 -46.43 71.70
CA LEU G 133 22.44 -45.67 70.72
C LEU G 133 21.17 -45.13 71.35
N SER G 134 20.83 -43.89 71.03
CA SER G 134 19.66 -43.26 71.61
C SER G 134 18.70 -42.83 70.49
N ASP G 135 18.11 -41.65 70.64
CA ASP G 135 17.28 -41.05 69.60
C ASP G 135 18.10 -40.48 68.43
N TYR G 136 17.41 -40.27 67.32
CA TYR G 136 17.99 -39.72 66.08
C TYR G 136 18.89 -38.49 66.27
N TYR G 137 18.42 -37.51 67.02
CA TYR G 137 19.19 -36.29 67.23
C TYR G 137 20.41 -36.54 68.12
N THR G 138 20.23 -37.34 69.18
CA THR G 138 21.29 -37.60 70.14
C THR G 138 22.46 -38.32 69.53
N ASN G 139 22.20 -39.24 68.61
CA ASN G 139 23.28 -39.95 67.93
C ASN G 139 24.30 -39.08 67.22
N ALA G 140 23.86 -38.02 66.56
CA ALA G 140 24.79 -37.09 65.94
C ALA G 140 25.38 -36.18 67.02
N GLY G 141 26.57 -35.65 66.81
CA GLY G 141 27.24 -34.86 67.84
C GLY G 141 27.45 -35.69 69.12
SE SEY H . -32.77 54.40 -81.80
C SEY H . -34.04 54.09 -83.13
N2 SEY H . -33.67 53.82 -84.37
N1 SEY H . -35.33 54.10 -82.82
SE SEY I . -20.77 44.21 -54.31
C SEY I . -20.94 46.06 -54.51
N2 SEY I . -20.44 46.66 -55.57
N1 SEY I . -21.57 46.77 -53.58
SE SEY J . -0.11 8.57 -8.94
C SEY J . 0.73 9.33 -10.43
N2 SEY J . 1.40 10.47 -10.31
N1 SEY J . 0.67 8.72 -11.60
SE SEY K . 1.00 -10.41 16.35
C SEY K . 1.33 -8.60 16.64
N2 SEY K . 2.53 -8.20 17.02
N1 SEY K . 0.36 -7.70 16.46
SE SEY L . 18.86 -28.29 36.04
C SEY L . 18.28 -28.81 34.34
N2 SEY L . 19.00 -28.51 33.27
N1 SEY L . 17.14 -29.51 34.20
SE SEY M . 20.00 -31.73 67.22
C SEY M . 21.54 -30.67 67.42
N2 SEY M . 21.45 -29.36 67.27
N1 SEY M . 22.70 -31.23 67.69
SE SEY N . 23.35 -42.76 63.91
C SEY N . 23.85 -41.00 63.48
N2 SEY N . 25.13 -40.72 63.29
N1 SEY N . 22.94 -40.06 63.35
SE SEY O . 31.88 -71.71 72.13
C SEY O . 30.27 -72.14 73.04
N2 SEY O . 30.29 -72.37 74.34
N1 SEY O . 29.13 -72.22 72.37
SE SEY P . 31.23 -69.94 60.46
C SEY P . 30.10 -70.46 59.01
N2 SEY P . 29.19 -71.40 59.18
N1 SEY P . 30.21 -69.86 57.83
#